data_8GV7
#
_entry.id   8GV7
#
_cell.length_a   140.427
_cell.length_b   140.427
_cell.length_c   195.734
_cell.angle_alpha   90.000
_cell.angle_beta   90.000
_cell.angle_gamma   120.000
#
_symmetry.space_group_name_H-M   'P 63'
#
loop_
_entity.id
_entity.type
_entity.pdbx_description
1 polymer 'Hemagglutinin H18-HA1'
2 polymer 'Hemagglutinin H18-HA2'
3 polymer 'PN-SIA28 heavy chain'
4 polymer 'PN-SIA28 light chain'
5 branched alpha-L-fucopyranose-(1-6)-2-acetamido-2-deoxy-beta-D-glucopyranose
6 branched 2-acetamido-2-deoxy-beta-D-glucopyranose-(1-4)-2-acetamido-2-deoxy-beta-D-glucopyranose
7 branched alpha-D-mannopyranose-(1-3)-[alpha-D-mannopyranose-(1-6)]beta-D-mannopyranose-(1-4)-2-acetamido-2-deoxy-beta-D-glucopyranose-(1-4)-2-acetamido-2-deoxy-beta-D-glucopyranose
8 non-polymer 2-acetamido-2-deoxy-beta-D-glucopyranose
9 water water
#
loop_
_entity_poly.entity_id
_entity_poly.type
_entity_poly.pdbx_seq_one_letter_code
_entity_poly.pdbx_strand_id
1 'polypeptide(L)'
;DQICIGYHSNNSTQTVNTLLESNVPVTSSHSILEKEHNGLLCKLKGKAPLDLIDCSLPAWLMGNPKCDELLTASEWAYIK
EDPEPENGICFPGDFDSLEDLILLVSNTDHFRKEKIIDMTRFSDVTTNNVDSACPYDTNGASFYRNLNWVQQNKGKQLIF
HYQNSENNPLLIIWGVHQTSNAAEQNTYYGSQTGSTTITIGEETNTYPLVISESSILNGHSDRINYFWGVVNPNQNFSIV
STGNFIWPEYGYFFQKTTNISGIIKSSEKISDCDTICQTKIGAINSTLPFQNIHQNAIGDCPKYVKAQELVLATGLRNNP
IKETR
;
A
2 'polypeptide(L)'
;GLFGAIAGFIEGGWQGLIDGWYGYHHQNSEGSGYAADKEATQKAVDAITTKVNNIIDKMNTQFESTAKEFNKIEMRIKHL
SDRVDDGFLDVWSYNAELLVLLENERTLDFHDANVNNLYQKVKVQLKDNAIDMGNGCFKILHKCNNTCMDDIKNGTYNYY
EYRKESHLEKQKIDGV
;
B
3 'polypeptide(L)'
;QVQLVESGGGVVQPGRSLRLSCAASGFPFSSYGMHWVRQAPGKGLEWVAGVSYDGSYKYYADSVKGRFTISRDSSKSTLY
LQMNSLRPEDTAVYYCARPSAIFGIYIILNGLDVWGQGTTVTVSS
;
C
4 'polypeptide(L)'
;EIVLTQSPSSVSASVGDRVTITCRATQGISSWLAWYQQKPGKPPKLLIFGASSLQSGVPSRFSGSGSGTDFTLTISSLQP
EDFATYFCQQAHSFPLTFGGGTKVEIKR
;
D
#
loop_
_chem_comp.id
_chem_comp.type
_chem_comp.name
_chem_comp.formula
BMA D-saccharide, beta linking beta-D-mannopyranose 'C6 H12 O6'
FUC L-saccharide, alpha linking alpha-L-fucopyranose 'C6 H12 O5'
MAN D-saccharide, alpha linking alpha-D-mannopyranose 'C6 H12 O6'
NAG D-saccharide, beta linking 2-acetamido-2-deoxy-beta-D-glucopyranose 'C8 H15 N O6'
#
# COMPACT_ATOMS: atom_id res chain seq x y z
N ASP A 1 -40.80 -26.03 -19.35
CA ASP A 1 -39.61 -26.09 -18.51
C ASP A 1 -38.44 -25.40 -19.20
N GLN A 2 -37.81 -24.47 -18.49
CA GLN A 2 -36.78 -23.61 -19.07
C GLN A 2 -35.57 -23.55 -18.14
N ILE A 3 -34.40 -23.40 -18.75
CA ILE A 3 -33.18 -23.02 -18.04
C ILE A 3 -32.45 -21.99 -18.90
N CYS A 4 -31.92 -20.96 -18.25
CA CYS A 4 -31.27 -19.85 -18.93
C CYS A 4 -29.87 -19.65 -18.39
N ILE A 5 -29.00 -19.10 -19.22
CA ILE A 5 -27.65 -18.70 -18.82
C ILE A 5 -27.58 -17.19 -18.84
N GLY A 6 -27.15 -16.60 -17.72
CA GLY A 6 -27.10 -15.16 -17.60
C GLY A 6 -25.91 -14.74 -16.77
N TYR A 7 -25.80 -13.43 -16.54
CA TYR A 7 -24.69 -12.85 -15.81
C TYR A 7 -25.19 -11.74 -14.90
N HIS A 8 -24.26 -11.14 -14.16
CA HIS A 8 -24.59 -10.24 -13.07
C HIS A 8 -24.77 -8.80 -13.55
N SER A 9 -25.75 -8.13 -12.95
CA SER A 9 -25.99 -6.71 -13.17
C SER A 9 -26.35 -6.06 -11.85
N ASN A 10 -26.09 -4.75 -11.76
CA ASN A 10 -26.43 -4.00 -10.55
C ASN A 10 -26.78 -2.57 -10.95
N ASN A 11 -26.83 -1.68 -9.95
CA ASN A 11 -27.19 -0.28 -10.17
C ASN A 11 -25.98 0.63 -10.25
N SER A 12 -24.78 0.09 -10.43
CA SER A 12 -23.59 0.92 -10.50
C SER A 12 -23.68 1.90 -11.66
N THR A 13 -23.38 3.16 -11.38
CA THR A 13 -23.33 4.19 -12.40
C THR A 13 -21.93 4.37 -12.97
N GLN A 14 -20.98 3.54 -12.56
CA GLN A 14 -19.61 3.66 -13.04
CA GLN A 14 -19.61 3.66 -13.04
C GLN A 14 -19.52 3.31 -14.52
N THR A 15 -18.69 4.04 -15.24
CA THR A 15 -18.43 3.79 -16.66
C THR A 15 -16.92 3.73 -16.86
N VAL A 16 -16.50 2.93 -17.84
CA VAL A 16 -15.11 2.85 -18.24
C VAL A 16 -15.04 3.03 -19.74
N ASN A 17 -13.87 3.46 -20.21
CA ASN A 17 -13.60 3.61 -21.63
C ASN A 17 -12.77 2.43 -22.10
N THR A 18 -13.22 1.78 -23.17
CA THR A 18 -12.45 0.74 -23.83
C THR A 18 -11.83 1.30 -25.10
N LEU A 19 -10.97 0.50 -25.72
CA LEU A 19 -10.31 0.93 -26.94
C LEU A 19 -11.29 1.01 -28.11
N LEU A 20 -12.46 0.39 -28.00
CA LEU A 20 -13.48 0.43 -29.03
C LEU A 20 -14.71 1.25 -28.66
N GLU A 21 -14.99 1.42 -27.38
CA GLU A 21 -16.21 2.10 -26.94
C GLU A 21 -15.86 3.06 -25.80
N SER A 22 -16.73 4.06 -25.64
CA SER A 22 -16.57 5.07 -24.60
C SER A 22 -17.75 5.04 -23.65
N ASN A 23 -17.48 5.26 -22.36
CA ASN A 23 -18.51 5.37 -21.33
C ASN A 23 -19.39 4.14 -21.26
N VAL A 24 -18.75 2.97 -21.20
CA VAL A 24 -19.46 1.71 -21.06
C VAL A 24 -19.78 1.46 -19.59
N PRO A 25 -21.05 1.36 -19.22
CA PRO A 25 -21.38 1.04 -17.83
C PRO A 25 -20.84 -0.33 -17.44
N VAL A 26 -20.29 -0.41 -16.23
CA VAL A 26 -19.74 -1.66 -15.71
C VAL A 26 -20.22 -1.87 -14.29
N THR A 27 -20.26 -3.14 -13.89
CA THR A 27 -20.76 -3.48 -12.55
C THR A 27 -19.76 -3.12 -11.47
N SER A 28 -18.46 -3.15 -11.78
CA SER A 28 -17.43 -2.77 -10.84
C SER A 28 -16.19 -2.35 -11.61
N SER A 29 -15.35 -1.55 -10.95
CA SER A 29 -14.14 -1.03 -11.58
C SER A 29 -13.10 -0.78 -10.51
N HIS A 30 -11.90 -0.43 -10.96
CA HIS A 30 -10.77 -0.18 -10.06
C HIS A 30 -9.85 0.84 -10.70
N SER A 31 -9.65 1.96 -10.01
CA SER A 31 -8.76 3.02 -10.50
C SER A 31 -7.31 2.69 -10.16
N ILE A 32 -6.43 2.95 -11.12
CA ILE A 32 -4.99 2.75 -10.92
C ILE A 32 -4.23 4.07 -10.98
N LEU A 33 -4.93 5.20 -10.87
CA LEU A 33 -4.32 6.52 -10.90
C LEU A 33 -4.58 7.20 -9.56
N GLU A 34 -3.50 7.51 -8.83
CA GLU A 34 -3.64 8.21 -7.56
C GLU A 34 -3.78 9.70 -7.81
N LYS A 35 -4.90 10.27 -7.33
CA LYS A 35 -5.21 11.67 -7.56
C LYS A 35 -5.23 12.49 -6.29
N GLU A 36 -4.98 11.89 -5.12
CA GLU A 36 -5.13 12.56 -3.84
C GLU A 36 -3.83 12.53 -3.05
N HIS A 37 -3.55 13.64 -2.37
CA HIS A 37 -2.46 13.73 -1.42
C HIS A 37 -3.01 14.21 -0.09
N ASN A 38 -2.37 13.79 1.00
CA ASN A 38 -2.87 14.13 2.33
C ASN A 38 -2.52 15.55 2.75
N GLY A 39 -1.73 16.27 1.96
CA GLY A 39 -1.39 17.64 2.29
C GLY A 39 -0.47 17.80 3.48
N LEU A 40 0.30 16.76 3.81
CA LEU A 40 1.17 16.77 4.97
C LEU A 40 2.60 16.49 4.56
N LEU A 41 3.54 16.97 5.37
CA LEU A 41 4.95 16.60 5.26
C LEU A 41 5.23 15.52 6.28
N CYS A 42 5.66 14.36 5.82
CA CYS A 42 5.70 13.16 6.64
C CYS A 42 7.12 12.59 6.70
N LYS A 43 7.25 11.54 7.52
CA LYS A 43 8.46 10.73 7.49
C LYS A 43 8.48 9.87 6.24
N LEU A 44 9.67 9.51 5.79
CA LEU A 44 9.85 8.71 4.58
C LEU A 44 10.42 7.36 4.98
N LYS A 45 9.59 6.32 4.88
CA LYS A 45 9.91 4.99 5.40
C LYS A 45 10.34 5.06 6.86
N GLY A 46 9.55 5.78 7.66
CA GLY A 46 9.84 5.93 9.07
C GLY A 46 11.07 6.74 9.40
N LYS A 47 11.62 7.48 8.45
CA LYS A 47 12.80 8.30 8.66
C LYS A 47 12.38 9.77 8.61
N ALA A 48 12.63 10.48 9.71
CA ALA A 48 12.20 11.87 9.81
C ALA A 48 13.03 12.75 8.89
N PRO A 49 12.45 13.84 8.39
CA PRO A 49 13.23 14.82 7.62
C PRO A 49 13.92 15.83 8.52
N LEU A 50 14.73 16.70 7.93
CA LEU A 50 15.38 17.79 8.64
C LEU A 50 14.61 19.08 8.38
N ASP A 51 14.05 19.67 9.43
CA ASP A 51 13.27 20.89 9.32
C ASP A 51 14.18 22.08 9.59
N LEU A 52 14.23 23.01 8.65
CA LEU A 52 15.10 24.17 8.72
C LEU A 52 14.42 25.38 9.35
N ILE A 53 13.19 25.20 9.85
CA ILE A 53 12.43 26.26 10.53
C ILE A 53 12.29 27.46 9.61
N ASP A 54 13.23 28.41 9.69
CA ASP A 54 13.22 29.58 8.83
C ASP A 54 14.62 29.91 8.32
N CYS A 55 15.48 28.91 8.21
CA CYS A 55 16.85 29.11 7.77
C CYS A 55 17.08 28.38 6.45
N SER A 56 17.85 29.01 5.56
CA SER A 56 18.29 28.32 4.35
C SER A 56 19.32 27.25 4.70
N LEU A 57 19.51 26.31 3.78
CA LEU A 57 20.49 25.25 4.00
C LEU A 57 21.89 25.78 4.24
N PRO A 58 22.43 26.73 3.45
CA PRO A 58 23.75 27.29 3.81
C PRO A 58 23.79 27.93 5.17
N ALA A 59 22.71 28.62 5.57
CA ALA A 59 22.69 29.27 6.88
C ALA A 59 22.72 28.23 8.01
N TRP A 60 21.96 27.15 7.87
CA TRP A 60 21.94 26.13 8.91
C TRP A 60 23.28 25.41 9.01
N LEU A 61 23.89 25.09 7.87
CA LEU A 61 25.16 24.36 7.87
C LEU A 61 26.28 25.22 8.47
N MET A 62 26.38 26.48 8.03
CA MET A 62 27.46 27.34 8.50
C MET A 62 27.24 27.82 9.94
N GLY A 63 26.02 27.73 10.45
CA GLY A 63 25.77 28.12 11.83
C GLY A 63 25.38 29.58 11.98
N ASN A 64 24.40 30.02 11.21
CA ASN A 64 23.86 31.36 11.40
C ASN A 64 23.32 31.47 12.82
N PRO A 65 23.67 32.52 13.58
CA PRO A 65 23.29 32.56 15.00
C PRO A 65 21.80 32.46 15.25
N LYS A 66 20.98 32.90 14.30
CA LYS A 66 19.53 32.81 14.45
C LYS A 66 18.99 31.41 14.12
N CYS A 67 19.86 30.45 13.82
CA CYS A 67 19.46 29.11 13.45
C CYS A 67 19.80 28.13 14.56
N ASP A 68 18.96 27.10 14.70
CA ASP A 68 19.15 26.10 15.73
C ASP A 68 20.43 25.31 15.48
N GLU A 69 21.24 25.16 16.52
CA GLU A 69 22.48 24.40 16.43
C GLU A 69 22.20 22.91 16.50
N LEU A 70 22.96 22.13 15.73
CA LEU A 70 22.89 20.68 15.78
C LEU A 70 23.61 20.21 17.03
N LEU A 71 22.86 19.92 18.10
CA LEU A 71 23.47 19.58 19.38
C LEU A 71 23.83 18.10 19.46
N THR A 72 23.12 17.24 18.74
CA THR A 72 23.30 15.80 18.88
C THR A 72 23.36 15.15 17.51
N ALA A 73 23.96 13.95 17.48
CA ALA A 73 24.02 13.17 16.25
C ALA A 73 22.62 12.89 15.74
N SER A 74 22.43 13.06 14.43
CA SER A 74 21.10 12.98 13.83
C SER A 74 21.17 12.36 12.45
N GLU A 75 19.99 12.11 11.90
CA GLU A 75 19.84 11.56 10.55
C GLU A 75 18.55 12.13 9.96
N TRP A 76 18.46 12.11 8.63
CA TRP A 76 17.24 12.57 7.99
C TRP A 76 17.10 11.94 6.62
N ALA A 77 15.85 11.76 6.20
CA ALA A 77 15.57 11.20 4.88
C ALA A 77 15.57 12.27 3.80
N TYR A 78 15.17 13.49 4.14
CA TYR A 78 15.22 14.61 3.21
C TYR A 78 15.29 15.90 4.03
N ILE A 79 15.57 17.00 3.33
CA ILE A 79 15.70 18.31 3.94
C ILE A 79 14.50 19.15 3.51
N LYS A 80 13.77 19.68 4.48
CA LYS A 80 12.67 20.59 4.21
C LYS A 80 13.13 22.02 4.44
N GLU A 81 12.94 22.87 3.44
CA GLU A 81 13.38 24.26 3.49
C GLU A 81 12.22 25.18 3.11
N ASP A 82 12.14 26.32 3.78
CA ASP A 82 11.07 27.27 3.52
C ASP A 82 11.28 27.91 2.14
N PRO A 83 10.19 28.22 1.42
CA PRO A 83 10.35 28.83 0.08
C PRO A 83 11.14 30.13 0.10
N GLU A 84 10.94 30.96 1.12
CA GLU A 84 11.66 32.22 1.26
C GLU A 84 12.16 32.31 2.71
N PRO A 85 13.28 31.64 3.01
CA PRO A 85 13.73 31.54 4.41
C PRO A 85 14.04 32.92 5.00
N GLU A 86 13.71 33.07 6.29
CA GLU A 86 13.96 34.33 6.98
C GLU A 86 15.44 34.57 7.18
N ASN A 87 16.19 33.54 7.54
CA ASN A 87 17.61 33.65 7.87
C ASN A 87 18.42 32.90 6.83
N GLY A 88 19.22 33.64 6.07
CA GLY A 88 20.07 33.02 5.06
C GLY A 88 21.53 33.37 5.27
N ILE A 89 22.22 33.73 4.19
CA ILE A 89 23.62 34.14 4.25
C ILE A 89 23.64 35.57 4.78
N CYS A 90 23.91 35.73 6.08
CA CYS A 90 23.80 37.04 6.71
C CYS A 90 24.92 37.97 6.27
N PHE A 91 26.09 37.43 5.94
CA PHE A 91 27.22 38.23 5.48
C PHE A 91 27.38 38.02 3.98
N PRO A 92 27.23 39.07 3.17
CA PRO A 92 27.09 38.88 1.71
C PRO A 92 28.26 38.12 1.11
N GLY A 93 27.94 37.19 0.20
CA GLY A 93 28.93 36.37 -0.47
C GLY A 93 28.32 35.13 -1.07
N ASP A 94 28.92 34.61 -2.14
CA ASP A 94 28.38 33.44 -2.82
C ASP A 94 28.75 32.16 -2.09
N PHE A 95 27.79 31.25 -1.99
CA PHE A 95 28.03 29.90 -1.47
C PHE A 95 28.28 28.98 -2.66
N ASP A 96 29.49 28.43 -2.74
CA ASP A 96 29.92 27.71 -3.92
C ASP A 96 29.36 26.29 -3.96
N SER A 97 28.93 25.88 -5.15
CA SER A 97 28.54 24.49 -5.43
C SER A 97 27.46 24.00 -4.46
N LEU A 98 26.41 24.80 -4.31
CA LEU A 98 25.32 24.42 -3.43
C LEU A 98 24.58 23.19 -3.96
N GLU A 99 24.37 23.12 -5.27
CA GLU A 99 23.63 22.01 -5.85
C GLU A 99 24.34 20.68 -5.63
N ASP A 100 25.67 20.67 -5.79
CA ASP A 100 26.44 19.46 -5.55
C ASP A 100 26.39 19.06 -4.07
N LEU A 101 26.45 20.06 -3.18
CA LEU A 101 26.39 19.77 -1.74
C LEU A 101 25.05 19.16 -1.35
N ILE A 102 23.97 19.57 -2.03
CA ILE A 102 22.64 19.03 -1.72
C ILE A 102 22.62 17.53 -1.97
N LEU A 103 23.31 17.06 -3.01
CA LEU A 103 23.36 15.63 -3.30
C LEU A 103 24.02 14.86 -2.17
N LEU A 104 24.90 15.49 -1.40
CA LEU A 104 25.65 14.80 -0.35
C LEU A 104 24.89 14.74 0.97
N VAL A 105 24.13 15.78 1.30
CA VAL A 105 23.60 15.96 2.66
C VAL A 105 22.09 15.86 2.74
N SER A 106 21.40 15.63 1.61
CA SER A 106 19.94 15.56 1.65
CA SER A 106 19.94 15.56 1.65
C SER A 106 19.45 14.32 2.38
N ASN A 107 20.15 13.20 2.21
CA ASN A 107 19.78 11.93 2.85
C ASN A 107 21.01 11.35 3.52
N THR A 108 20.99 11.32 4.86
CA THR A 108 22.14 10.88 5.64
C THR A 108 21.69 9.89 6.71
N ASP A 109 22.57 8.93 7.01
CA ASP A 109 22.36 8.01 8.12
C ASP A 109 23.02 8.49 9.41
N HIS A 110 23.86 9.52 9.35
CA HIS A 110 24.58 10.02 10.51
C HIS A 110 25.09 11.42 10.20
N PHE A 111 25.07 12.30 11.20
CA PHE A 111 25.48 13.69 10.99
C PHE A 111 25.84 14.29 12.34
N ARG A 112 27.13 14.57 12.55
CA ARG A 112 27.62 15.14 13.80
C ARG A 112 28.42 16.41 13.53
N LYS A 113 28.07 17.48 14.24
CA LYS A 113 28.97 18.62 14.34
C LYS A 113 30.09 18.30 15.32
N GLU A 114 31.32 18.67 14.96
CA GLU A 114 32.47 18.50 15.83
C GLU A 114 33.40 19.70 15.68
N LYS A 115 34.23 19.91 16.70
CA LYS A 115 35.27 20.91 16.64
C LYS A 115 36.49 20.33 15.94
N ILE A 116 36.96 21.01 14.90
CA ILE A 116 38.04 20.49 14.07
C ILE A 116 39.35 21.26 14.27
N ILE A 117 39.29 22.55 14.59
CA ILE A 117 40.49 23.38 14.74
C ILE A 117 40.43 24.07 16.09
N ASP A 118 41.53 24.02 16.83
CA ASP A 118 41.70 24.82 18.05
C ASP A 118 42.26 26.17 17.62
N MET A 119 41.40 27.19 17.62
CA MET A 119 41.81 28.50 17.11
C MET A 119 42.75 29.23 18.06
N THR A 120 42.82 28.80 19.32
CA THR A 120 43.68 29.47 20.29
C THR A 120 45.17 29.24 20.02
N ARG A 121 45.52 28.28 19.17
CA ARG A 121 46.92 27.94 18.92
C ARG A 121 47.58 28.85 17.88
N PHE A 122 46.84 29.78 17.30
CA PHE A 122 47.40 30.76 16.38
C PHE A 122 47.71 32.04 17.13
N SER A 123 48.92 32.54 17.00
CA SER A 123 49.42 33.66 17.78
C SER A 123 49.56 34.91 16.91
N ASP A 124 49.61 36.06 17.59
CA ASP A 124 49.72 37.37 16.95
C ASP A 124 48.58 37.61 15.96
N VAL A 125 47.37 37.20 16.36
CA VAL A 125 46.21 37.29 15.48
C VAL A 125 44.97 37.26 16.35
N THR A 126 43.85 37.71 15.80
CA THR A 126 42.57 37.74 16.50
C THR A 126 41.59 36.77 15.85
N THR A 127 40.85 36.05 16.69
CA THR A 127 39.87 35.07 16.24
C THR A 127 38.49 35.43 16.77
N ASN A 128 37.50 34.65 16.33
CA ASN A 128 36.11 34.82 16.75
C ASN A 128 35.60 36.23 16.50
N ASN A 129 36.01 36.81 15.38
CA ASN A 129 35.54 38.14 15.02
C ASN A 129 34.09 38.09 14.54
N VAL A 130 33.37 39.19 14.76
CA VAL A 130 31.93 39.24 14.58
C VAL A 130 31.58 40.46 13.72
N ASP A 131 30.29 40.59 13.41
CA ASP A 131 29.79 41.70 12.63
C ASP A 131 28.29 41.85 12.89
N SER A 132 27.81 43.09 12.80
CA SER A 132 26.41 43.38 13.07
C SER A 132 25.48 42.87 11.97
N ALA A 133 26.01 42.44 10.83
CA ALA A 133 25.17 41.85 9.79
C ALA A 133 24.66 40.46 10.16
N CYS A 134 25.17 39.87 11.24
CA CYS A 134 24.75 38.55 11.70
C CYS A 134 24.43 38.61 13.19
N PRO A 135 23.31 39.23 13.55
CA PRO A 135 22.98 39.38 14.98
C PRO A 135 22.51 38.08 15.60
N TYR A 136 22.50 38.06 16.94
CA TYR A 136 21.84 37.01 17.68
C TYR A 136 20.33 37.15 17.52
N ASP A 137 19.57 36.28 18.20
CA ASP A 137 18.13 36.49 18.27
C ASP A 137 17.80 37.80 18.99
N THR A 138 18.63 38.21 19.94
CA THR A 138 18.39 39.49 20.59
C THR A 138 18.57 40.65 19.63
N ASN A 139 19.83 40.97 19.33
CA ASN A 139 20.26 41.88 18.27
C ASN A 139 21.77 41.92 18.35
N GLY A 140 22.40 42.83 17.61
CA GLY A 140 23.81 43.12 17.83
C GLY A 140 24.74 42.54 16.78
N ALA A 141 25.92 42.10 17.23
CA ALA A 141 26.95 41.59 16.34
C ALA A 141 27.35 40.19 16.75
N SER A 142 27.22 39.24 15.83
CA SER A 142 27.69 37.88 16.02
C SER A 142 28.24 37.38 14.68
N PHE A 143 28.47 36.08 14.59
CA PHE A 143 29.02 35.48 13.37
C PHE A 143 28.60 34.03 13.31
N TYR A 144 28.86 33.40 12.16
CA TYR A 144 28.56 31.99 11.99
C TYR A 144 29.26 31.15 13.06
N ARG A 145 28.53 30.18 13.61
CA ARG A 145 29.06 29.38 14.70
C ARG A 145 30.24 28.52 14.25
N ASN A 146 30.11 27.87 13.09
CA ASN A 146 31.13 26.93 12.64
C ASN A 146 32.30 27.60 11.93
N LEU A 147 32.16 28.87 11.56
CA LEU A 147 33.19 29.58 10.80
C LEU A 147 33.81 30.66 11.66
N ASN A 148 35.14 30.64 11.77
CA ASN A 148 35.87 31.55 12.65
C ASN A 148 36.59 32.59 11.80
N TRP A 149 36.23 33.85 11.99
CA TRP A 149 36.84 34.95 11.25
C TRP A 149 38.14 35.36 11.93
N VAL A 150 39.24 35.32 11.17
CA VAL A 150 40.57 35.64 11.67
C VAL A 150 41.01 36.96 11.04
N GLN A 151 41.42 37.90 11.87
CA GLN A 151 41.80 39.23 11.43
C GLN A 151 43.18 39.59 11.97
N GLN A 152 43.75 40.66 11.40
CA GLN A 152 45.04 41.19 11.83
C GLN A 152 46.15 40.14 11.72
N ASN A 153 46.21 39.48 10.57
CA ASN A 153 47.31 38.57 10.29
C ASN A 153 48.62 39.32 10.10
N LYS A 154 48.55 40.57 9.65
CA LYS A 154 49.72 41.45 9.51
C LYS A 154 50.72 40.91 8.50
N GLY A 155 50.25 40.15 7.52
CA GLY A 155 51.11 39.52 6.55
C GLY A 155 51.69 38.20 6.97
N LYS A 156 51.63 37.88 8.27
CA LYS A 156 52.21 36.65 8.78
C LYS A 156 51.46 35.43 8.24
N GLN A 157 52.17 34.33 8.08
CA GLN A 157 51.64 33.09 7.54
C GLN A 157 51.26 32.13 8.66
N LEU A 158 50.08 31.54 8.58
CA LEU A 158 49.61 30.55 9.52
C LEU A 158 49.55 29.18 8.85
N ILE A 159 49.93 28.14 9.58
CA ILE A 159 49.95 26.77 9.07
C ILE A 159 49.09 25.90 9.99
N PHE A 160 48.26 25.05 9.38
CA PHE A 160 47.46 24.08 10.11
C PHE A 160 47.40 22.77 9.32
N HIS A 161 47.39 21.65 10.05
CA HIS A 161 47.27 20.33 9.45
C HIS A 161 46.28 19.51 10.25
N TYR A 162 45.61 18.59 9.57
CA TYR A 162 44.59 17.76 10.21
C TYR A 162 44.48 16.43 9.47
N GLN A 163 44.19 15.37 10.23
CA GLN A 163 43.94 14.04 9.68
C GLN A 163 42.59 13.54 10.18
N ASN A 164 41.74 13.10 9.26
CA ASN A 164 40.44 12.54 9.60
C ASN A 164 40.65 11.08 10.00
N SER A 165 40.84 10.85 11.30
CA SER A 165 40.97 9.50 11.83
C SER A 165 39.62 8.87 12.15
N GLU A 166 38.53 9.59 11.90
CA GLU A 166 37.19 9.06 12.11
C GLU A 166 36.83 8.07 11.00
N ASN A 167 35.82 7.24 11.29
CA ASN A 167 35.33 6.28 10.32
C ASN A 167 34.21 6.83 9.45
N ASN A 168 34.14 8.15 9.29
CA ASN A 168 33.15 8.80 8.45
C ASN A 168 33.80 10.00 7.76
N PRO A 169 33.35 10.35 6.56
CA PRO A 169 33.87 11.55 5.90
C PRO A 169 33.47 12.81 6.65
N LEU A 170 34.29 13.85 6.51
CA LEU A 170 34.12 15.10 7.22
C LEU A 170 33.81 16.22 6.23
N LEU A 171 32.77 17.00 6.53
CA LEU A 171 32.39 18.16 5.73
C LEU A 171 32.86 19.41 6.44
N ILE A 172 33.63 20.24 5.74
CA ILE A 172 34.15 21.49 6.28
C ILE A 172 33.79 22.62 5.34
N ILE A 173 33.40 23.76 5.91
CA ILE A 173 33.01 24.94 5.15
C ILE A 173 33.86 26.11 5.62
N TRP A 174 34.45 26.84 4.66
CA TRP A 174 35.30 27.98 4.96
C TRP A 174 34.86 29.17 4.11
N GLY A 175 35.49 30.31 4.33
CA GLY A 175 35.17 31.52 3.59
C GLY A 175 36.41 32.34 3.32
N VAL A 176 36.35 33.10 2.23
CA VAL A 176 37.45 33.97 1.80
C VAL A 176 36.94 35.39 1.72
N HIS A 177 37.65 36.32 2.35
CA HIS A 177 37.20 37.70 2.48
C HIS A 177 37.71 38.53 1.31
N GLN A 178 36.79 39.16 0.58
CA GLN A 178 37.11 40.09 -0.49
C GLN A 178 36.88 41.50 0.02
N THR A 179 37.96 42.23 0.27
CA THR A 179 37.86 43.55 0.85
C THR A 179 37.51 44.60 -0.21
N SER A 180 37.06 45.76 0.27
CA SER A 180 36.59 46.81 -0.64
C SER A 180 37.74 47.65 -1.19
N ASN A 181 38.68 48.05 -0.33
CA ASN A 181 39.76 48.94 -0.73
C ASN A 181 40.98 48.66 0.13
N ALA A 182 42.06 49.41 -0.14
CA ALA A 182 43.29 49.25 0.63
C ALA A 182 43.08 49.63 2.09
N ALA A 183 42.28 50.67 2.34
CA ALA A 183 42.03 51.10 3.72
C ALA A 183 41.30 50.01 4.50
N GLU A 184 40.25 49.43 3.91
CA GLU A 184 39.52 48.37 4.58
C GLU A 184 40.39 47.12 4.77
N GLN A 185 41.23 46.81 3.77
CA GLN A 185 42.17 45.71 3.92
C GLN A 185 43.16 45.98 5.04
N ASN A 186 43.65 47.22 5.14
CA ASN A 186 44.60 47.57 6.19
C ASN A 186 43.96 47.49 7.57
N THR A 187 42.72 47.95 7.71
CA THR A 187 42.07 47.94 9.01
C THR A 187 41.85 46.51 9.51
N TYR A 188 41.39 45.61 8.63
CA TYR A 188 41.06 44.27 9.05
C TYR A 188 42.30 43.41 9.28
N TYR A 189 43.34 43.59 8.46
CA TYR A 189 44.48 42.68 8.47
C TYR A 189 45.84 43.35 8.59
N GLY A 190 45.93 44.68 8.48
CA GLY A 190 47.19 45.36 8.69
C GLY A 190 48.26 45.06 7.67
N SER A 191 47.87 44.68 6.45
CA SER A 191 48.82 44.38 5.40
C SER A 191 48.06 44.27 4.09
N GLN A 192 48.68 44.75 3.00
CA GLN A 192 48.06 44.62 1.68
C GLN A 192 48.38 43.26 1.08
N THR A 193 48.17 42.21 1.87
CA THR A 193 48.38 40.82 1.46
C THR A 193 47.28 40.00 2.10
N GLY A 194 47.47 38.68 2.15
CA GLY A 194 46.48 37.79 2.70
C GLY A 194 45.95 36.84 1.66
N SER A 195 46.49 35.63 1.63
CA SER A 195 46.15 34.61 0.66
C SER A 195 46.14 33.27 1.35
N THR A 196 45.17 32.42 0.99
CA THR A 196 45.01 31.13 1.63
C THR A 196 45.05 30.03 0.60
N THR A 197 45.81 28.97 0.91
CA THR A 197 45.82 27.74 0.14
C THR A 197 45.37 26.61 1.05
N ILE A 198 44.23 26.01 0.73
CA ILE A 198 43.70 24.88 1.48
C ILE A 198 43.77 23.64 0.59
N THR A 199 44.40 22.59 1.10
CA THR A 199 44.60 21.35 0.37
C THR A 199 43.82 20.24 1.04
N ILE A 200 42.95 19.58 0.27
CA ILE A 200 42.17 18.44 0.76
C ILE A 200 42.61 17.23 -0.04
N GLY A 201 43.24 16.27 0.61
CA GLY A 201 43.77 15.12 -0.11
C GLY A 201 44.82 15.59 -1.11
N GLU A 202 44.54 15.39 -2.39
CA GLU A 202 45.43 15.81 -3.46
C GLU A 202 44.93 17.01 -4.26
N GLU A 203 43.75 17.53 -3.95
CA GLU A 203 43.33 18.80 -4.53
C GLU A 203 43.99 19.96 -3.80
N THR A 204 44.32 20.99 -4.56
CA THR A 204 44.82 22.25 -4.01
C THR A 204 43.86 23.37 -4.39
N ASN A 205 43.44 24.13 -3.39
CA ASN A 205 42.58 25.29 -3.59
C ASN A 205 43.31 26.53 -3.11
N THR A 206 43.56 27.46 -4.03
CA THR A 206 44.29 28.69 -3.73
C THR A 206 43.37 29.87 -3.94
N TYR A 207 43.32 30.76 -2.95
CA TYR A 207 42.45 31.94 -2.97
C TYR A 207 43.31 33.18 -2.79
N PRO A 208 43.84 33.75 -3.87
CA PRO A 208 44.66 34.96 -3.75
C PRO A 208 43.83 36.16 -3.31
N LEU A 209 44.52 37.13 -2.73
CA LEU A 209 43.86 38.34 -2.25
C LEU A 209 43.19 39.08 -3.39
N VAL A 210 41.94 39.47 -3.18
CA VAL A 210 41.16 40.24 -4.14
C VAL A 210 40.61 41.46 -3.43
N ILE A 211 40.87 42.64 -3.99
CA ILE A 211 40.41 43.90 -3.43
C ILE A 211 39.59 44.62 -4.49
N SER A 212 38.30 44.84 -4.19
CA SER A 212 37.39 45.44 -5.16
C SER A 212 36.11 45.85 -4.46
N GLU A 213 35.59 47.04 -4.80
CA GLU A 213 34.29 47.44 -4.32
C GLU A 213 33.19 46.55 -4.90
N SER A 214 32.16 46.33 -4.10
CA SER A 214 30.90 45.78 -4.58
C SER A 214 29.77 46.67 -4.07
N SER A 215 28.59 46.51 -4.66
CA SER A 215 27.43 47.23 -4.16
C SER A 215 27.15 46.83 -2.72
N ILE A 216 26.69 47.79 -1.93
CA ILE A 216 26.56 47.59 -0.48
C ILE A 216 25.31 46.78 -0.20
N LEU A 217 25.48 45.62 0.42
CA LEU A 217 24.39 44.79 0.90
C LEU A 217 24.61 44.52 2.37
N ASN A 218 23.58 44.74 3.19
CA ASN A 218 23.68 44.59 4.64
C ASN A 218 24.84 45.41 5.19
N GLY A 219 24.98 46.63 4.68
CA GLY A 219 26.04 47.51 5.12
C GLY A 219 27.43 47.08 4.70
N HIS A 220 27.55 46.19 3.73
CA HIS A 220 28.83 45.64 3.32
C HIS A 220 29.06 45.88 1.83
N SER A 221 30.09 46.66 1.51
CA SER A 221 30.61 46.69 0.15
C SER A 221 31.62 45.57 -0.10
N ASP A 222 32.08 44.91 0.96
CA ASP A 222 32.97 43.77 0.86
C ASP A 222 32.16 42.47 0.83
N ARG A 223 32.84 41.36 0.57
CA ARG A 223 32.19 40.07 0.45
C ARG A 223 33.02 39.00 1.14
N ILE A 224 32.31 38.00 1.68
CA ILE A 224 32.92 36.76 2.16
C ILE A 224 32.30 35.63 1.36
N ASN A 225 33.11 34.99 0.52
CA ASN A 225 32.63 33.92 -0.35
C ASN A 225 32.95 32.57 0.27
N TYR A 226 31.96 31.68 0.29
CA TYR A 226 32.03 30.44 1.04
C TYR A 226 32.28 29.26 0.10
N PHE A 227 33.15 28.35 0.55
CA PHE A 227 33.48 27.14 -0.18
C PHE A 227 33.47 25.96 0.79
N TRP A 228 33.49 24.75 0.26
CA TRP A 228 33.41 23.56 1.09
C TRP A 228 34.15 22.41 0.43
N GLY A 229 34.44 21.39 1.22
CA GLY A 229 35.10 20.19 0.75
C GLY A 229 34.82 19.04 1.68
N VAL A 230 35.18 17.84 1.23
CA VAL A 230 34.95 16.62 1.98
C VAL A 230 36.29 15.95 2.24
N VAL A 231 36.58 15.68 3.51
CA VAL A 231 37.78 14.97 3.92
C VAL A 231 37.38 13.53 4.21
N ASN A 232 37.83 12.61 3.35
CA ASN A 232 37.49 11.21 3.50
C ASN A 232 38.19 10.62 4.72
N PRO A 233 37.69 9.49 5.24
CA PRO A 233 38.37 8.84 6.36
C PRO A 233 39.83 8.52 6.02
N ASN A 234 40.70 8.79 6.99
CA ASN A 234 42.15 8.59 6.88
C ASN A 234 42.80 9.47 5.83
N GLN A 235 42.11 10.52 5.37
CA GLN A 235 42.67 11.51 4.48
C GLN A 235 42.95 12.80 5.24
N ASN A 236 43.83 13.63 4.67
CA ASN A 236 44.30 14.83 5.36
C ASN A 236 43.78 16.09 4.68
N PHE A 237 43.85 17.20 5.43
CA PHE A 237 43.68 18.51 4.84
C PHE A 237 44.54 19.50 5.63
N SER A 238 44.95 20.57 4.95
CA SER A 238 45.86 21.56 5.54
C SER A 238 45.51 22.94 5.03
N ILE A 239 45.86 23.95 5.82
CA ILE A 239 45.57 25.35 5.50
C ILE A 239 46.84 26.17 5.68
N VAL A 240 47.17 26.98 4.67
CA VAL A 240 48.23 27.97 4.76
C VAL A 240 47.63 29.32 4.41
N SER A 241 47.62 30.24 5.37
CA SER A 241 46.94 31.52 5.20
C SER A 241 47.79 32.65 5.72
N THR A 242 47.83 33.74 4.96
CA THR A 242 48.45 34.99 5.39
C THR A 242 47.41 36.08 5.67
N GLY A 243 46.13 35.73 5.65
CA GLY A 243 45.08 36.68 5.93
C GLY A 243 43.84 36.48 5.08
N ASN A 244 42.80 37.28 5.33
CA ASN A 244 41.57 37.28 4.54
C ASN A 244 40.90 35.91 4.49
N PHE A 245 40.99 35.15 5.58
CA PHE A 245 40.42 33.80 5.63
C PHE A 245 39.50 33.64 6.81
N ILE A 246 38.43 32.87 6.60
CA ILE A 246 37.48 32.51 7.64
C ILE A 246 37.59 31.00 7.81
N TRP A 247 38.05 30.57 8.97
CA TRP A 247 38.51 29.20 9.14
C TRP A 247 37.34 28.25 9.43
N PRO A 248 37.45 26.99 8.97
CA PRO A 248 36.45 25.97 9.31
C PRO A 248 36.70 25.37 10.69
N GLU A 249 36.39 26.17 11.73
CA GLU A 249 36.62 25.73 13.09
C GLU A 249 35.82 24.48 13.43
N TYR A 250 34.58 24.41 12.94
CA TYR A 250 33.72 23.25 13.16
C TYR A 250 33.39 22.61 11.82
N GLY A 251 33.08 21.31 11.88
CA GLY A 251 32.71 20.57 10.70
C GLY A 251 31.73 19.47 11.05
N TYR A 252 31.19 18.83 10.02
CA TYR A 252 30.20 17.78 10.20
C TYR A 252 30.75 16.45 9.71
N PHE A 253 30.80 15.46 10.60
CA PHE A 253 31.04 14.09 10.21
C PHE A 253 29.71 13.46 9.80
N PHE A 254 29.68 12.85 8.62
CA PHE A 254 28.42 12.37 8.06
C PHE A 254 28.63 11.03 7.37
N GLN A 255 27.52 10.31 7.19
CA GLN A 255 27.50 9.02 6.53
C GLN A 255 26.57 9.11 5.33
N LYS A 256 27.11 8.87 4.14
CA LYS A 256 26.33 8.99 2.92
C LYS A 256 25.34 7.84 2.79
N THR A 257 24.24 8.11 2.09
CA THR A 257 23.27 7.09 1.70
C THR A 257 23.15 7.07 0.18
N THR A 258 22.84 5.89 -0.36
CA THR A 258 22.82 5.72 -1.80
C THR A 258 21.63 6.43 -2.45
N ASN A 259 20.45 6.32 -1.85
CA ASN A 259 19.23 6.89 -2.42
C ASN A 259 19.20 8.38 -2.11
N ILE A 260 19.31 9.21 -3.16
CA ILE A 260 19.34 10.66 -3.01
C ILE A 260 17.92 11.19 -3.13
N SER A 261 17.51 12.00 -2.15
CA SER A 261 16.16 12.57 -2.14
C SER A 261 16.12 14.02 -2.62
N GLY A 262 16.81 14.92 -1.95
CA GLY A 262 16.74 16.33 -2.30
C GLY A 262 16.09 17.22 -1.26
N ILE A 263 15.61 18.39 -1.66
CA ILE A 263 15.07 19.39 -0.74
C ILE A 263 13.60 19.61 -1.06
N ILE A 264 12.75 19.59 -0.02
CA ILE A 264 11.32 19.86 -0.16
C ILE A 264 11.09 21.31 0.23
N LYS A 265 10.61 22.12 -0.72
CA LYS A 265 10.35 23.54 -0.48
C LYS A 265 8.89 23.71 -0.07
N SER A 266 8.66 24.07 1.19
CA SER A 266 7.32 24.26 1.70
C SER A 266 7.37 25.14 2.93
N SER A 267 6.26 25.80 3.23
CA SER A 267 6.11 26.58 4.45
C SER A 267 5.47 25.78 5.58
N GLU A 268 4.99 24.57 5.29
CA GLU A 268 4.28 23.77 6.28
C GLU A 268 5.26 23.22 7.33
N LYS A 269 4.70 22.65 8.38
CA LYS A 269 5.48 21.99 9.41
C LYS A 269 5.36 20.47 9.27
N ILE A 270 6.35 19.77 9.81
CA ILE A 270 6.39 18.31 9.68
C ILE A 270 5.33 17.71 10.59
N SER A 271 4.39 16.98 10.00
CA SER A 271 3.33 16.32 10.74
C SER A 271 3.79 14.94 11.22
N ASP A 272 2.98 14.35 12.10
CA ASP A 272 3.27 13.02 12.63
C ASP A 272 2.62 11.96 11.73
N CYS A 273 3.25 11.78 10.57
CA CYS A 273 2.77 10.83 9.57
C CYS A 273 3.97 10.17 8.89
N ASP A 274 3.71 9.04 8.25
CA ASP A 274 4.73 8.28 7.55
C ASP A 274 4.24 7.92 6.15
N THR A 275 5.08 8.14 5.15
CA THR A 275 4.73 7.89 3.76
C THR A 275 5.89 7.25 3.04
N ILE A 276 5.58 6.55 1.95
CA ILE A 276 6.62 6.02 1.07
C ILE A 276 6.96 6.96 -0.07
N CYS A 277 6.11 7.95 -0.34
CA CYS A 277 6.37 8.93 -1.39
C CYS A 277 5.93 10.30 -0.87
N GLN A 278 6.81 11.30 -1.05
CA GLN A 278 6.57 12.64 -0.53
C GLN A 278 6.76 13.67 -1.63
N THR A 279 5.84 14.64 -1.69
CA THR A 279 5.94 15.78 -2.57
C THR A 279 5.88 17.06 -1.72
N LYS A 280 6.27 18.17 -2.33
CA LYS A 280 6.32 19.44 -1.60
C LYS A 280 4.94 20.01 -1.32
N ILE A 281 3.88 19.46 -1.91
CA ILE A 281 2.51 19.87 -1.63
C ILE A 281 1.73 18.84 -0.83
N GLY A 282 2.33 17.70 -0.55
CA GLY A 282 1.67 16.66 0.22
C GLY A 282 2.28 15.30 -0.06
N ALA A 283 1.95 14.36 0.83
CA ALA A 283 2.48 13.01 0.72
C ALA A 283 1.57 12.15 -0.15
N ILE A 284 2.18 11.28 -0.95
CA ILE A 284 1.44 10.31 -1.73
C ILE A 284 1.66 8.93 -1.14
N ASN A 285 0.80 8.54 -0.20
CA ASN A 285 0.87 7.22 0.43
C ASN A 285 0.03 6.25 -0.39
N SER A 286 0.59 5.83 -1.52
CA SER A 286 -0.16 5.03 -2.49
C SER A 286 0.76 4.06 -3.19
N THR A 287 0.23 2.87 -3.47
CA THR A 287 0.91 1.89 -4.30
C THR A 287 0.30 1.79 -5.69
N LEU A 288 -0.65 2.65 -6.03
CA LEU A 288 -1.16 2.69 -7.39
C LEU A 288 -0.02 3.08 -8.34
N PRO A 289 0.03 2.49 -9.54
CA PRO A 289 1.21 2.68 -10.40
C PRO A 289 1.36 4.09 -10.97
N PHE A 290 0.31 4.92 -10.93
CA PHE A 290 0.39 6.23 -11.58
C PHE A 290 -0.21 7.30 -10.68
N GLN A 291 0.27 8.53 -10.86
CA GLN A 291 -0.22 9.68 -10.12
C GLN A 291 -0.14 10.91 -11.01
N ASN A 292 -1.11 11.81 -10.86
CA ASN A 292 -1.13 13.08 -11.57
C ASN A 292 -0.98 14.28 -10.62
N ILE A 293 -0.42 14.06 -9.44
CA ILE A 293 -0.42 15.09 -8.40
C ILE A 293 0.67 16.12 -8.64
N HIS A 294 1.91 15.66 -8.79
CA HIS A 294 3.03 16.58 -8.83
C HIS A 294 4.19 15.96 -9.59
N GLN A 295 4.86 16.76 -10.41
CA GLN A 295 5.93 16.24 -11.27
C GLN A 295 7.14 15.76 -10.46
N ASN A 296 7.45 16.43 -9.36
CA ASN A 296 8.62 16.12 -8.56
C ASN A 296 8.20 15.45 -7.25
N ALA A 297 8.94 14.42 -6.86
CA ALA A 297 8.64 13.66 -5.65
C ALA A 297 9.91 12.97 -5.18
N ILE A 298 9.82 12.34 -4.01
CA ILE A 298 10.94 11.62 -3.42
C ILE A 298 10.43 10.30 -2.85
N GLY A 299 11.23 9.24 -3.01
CA GLY A 299 10.92 7.96 -2.40
C GLY A 299 10.42 6.91 -3.38
N ASP A 300 9.58 5.99 -2.87
CA ASP A 300 8.97 4.95 -3.69
C ASP A 300 7.66 5.53 -4.22
N CYS A 301 7.66 5.95 -5.49
CA CYS A 301 6.58 6.79 -5.99
C CYS A 301 5.98 6.21 -7.26
N PRO A 302 4.71 6.51 -7.53
CA PRO A 302 4.13 6.18 -8.82
C PRO A 302 4.67 7.09 -9.92
N LYS A 303 4.55 6.62 -11.15
CA LYS A 303 5.01 7.41 -12.29
C LYS A 303 4.07 8.57 -12.55
N TYR A 304 4.63 9.75 -12.78
CA TYR A 304 3.84 10.94 -13.01
C TYR A 304 3.21 10.90 -14.41
N VAL A 305 1.90 11.12 -14.47
CA VAL A 305 1.17 11.19 -15.74
C VAL A 305 0.24 12.39 -15.68
N LYS A 306 -0.19 12.83 -16.86
CA LYS A 306 -1.15 13.92 -16.99
C LYS A 306 -2.57 13.42 -17.23
N ALA A 307 -2.80 12.12 -17.10
CA ALA A 307 -4.14 11.56 -17.25
C ALA A 307 -5.04 12.02 -16.10
N GLN A 308 -6.28 12.37 -16.44
CA GLN A 308 -7.23 12.76 -15.41
C GLN A 308 -7.80 11.55 -14.68
N GLU A 309 -8.08 10.47 -15.41
CA GLU A 309 -8.58 9.24 -14.81
C GLU A 309 -7.99 8.03 -15.51
N LEU A 310 -7.70 6.98 -14.74
CA LEU A 310 -7.23 5.70 -15.27
C LEU A 310 -8.00 4.62 -14.50
N VAL A 311 -9.14 4.22 -15.04
CA VAL A 311 -10.06 3.32 -14.35
C VAL A 311 -10.12 2.00 -15.11
N LEU A 312 -9.71 0.93 -14.44
CA LEU A 312 -9.75 -0.42 -15.02
C LEU A 312 -11.11 -1.04 -14.74
N ALA A 313 -11.69 -1.65 -15.78
CA ALA A 313 -12.92 -2.40 -15.60
C ALA A 313 -12.61 -3.75 -14.94
N THR A 314 -13.39 -4.09 -13.92
CA THR A 314 -13.26 -5.39 -13.26
C THR A 314 -14.53 -6.22 -13.39
N GLY A 315 -15.69 -5.60 -13.39
CA GLY A 315 -16.95 -6.29 -13.54
C GLY A 315 -17.37 -6.42 -14.99
N LEU A 316 -18.66 -6.71 -15.18
CA LEU A 316 -19.22 -6.98 -16.49
C LEU A 316 -19.88 -5.72 -17.06
N ARG A 317 -20.26 -5.81 -18.33
CA ARG A 317 -21.06 -4.75 -18.94
C ARG A 317 -22.39 -4.63 -18.22
N ASN A 318 -22.67 -3.43 -17.71
CA ASN A 318 -23.88 -3.21 -16.92
C ASN A 318 -25.01 -2.76 -17.86
N ASN A 319 -25.59 -3.73 -18.56
CA ASN A 319 -26.70 -3.51 -19.47
C ASN A 319 -27.84 -4.44 -19.07
N PRO A 320 -28.52 -4.15 -17.97
CA PRO A 320 -29.56 -5.05 -17.48
C PRO A 320 -30.76 -5.09 -18.42
N ILE A 321 -31.42 -6.25 -18.45
CA ILE A 321 -32.67 -6.37 -19.17
C ILE A 321 -33.70 -5.45 -18.53
N LYS A 322 -34.51 -4.81 -19.36
CA LYS A 322 -35.51 -3.83 -18.91
C LYS A 322 -36.38 -4.38 -17.78
N ALA B 5 -41.92 -15.15 -20.17
CA ALA B 5 -41.13 -14.34 -19.25
C ALA B 5 -39.76 -14.98 -18.95
N ILE B 6 -38.84 -14.14 -18.48
CA ILE B 6 -37.46 -14.47 -18.09
C ILE B 6 -36.66 -14.93 -19.31
N ALA B 7 -35.69 -14.10 -19.69
CA ALA B 7 -34.78 -14.37 -20.81
C ALA B 7 -33.35 -14.41 -20.31
N GLY B 8 -32.44 -14.74 -21.22
CA GLY B 8 -31.07 -15.05 -20.90
C GLY B 8 -30.09 -13.96 -21.26
N PHE B 9 -28.84 -14.35 -21.48
CA PHE B 9 -27.74 -13.40 -21.62
C PHE B 9 -27.75 -12.65 -22.95
N ILE B 10 -28.48 -13.15 -23.95
CA ILE B 10 -28.52 -12.47 -25.24
C ILE B 10 -29.14 -11.09 -25.10
N GLU B 11 -30.12 -10.95 -24.21
CA GLU B 11 -30.85 -9.70 -24.04
C GLU B 11 -30.33 -8.84 -22.89
N GLY B 12 -29.28 -9.26 -22.21
CA GLY B 12 -28.67 -8.44 -21.17
C GLY B 12 -28.43 -9.22 -19.90
N GLY B 13 -28.10 -8.49 -18.83
CA GLY B 13 -27.77 -9.09 -17.56
C GLY B 13 -28.97 -9.20 -16.63
N TRP B 14 -28.72 -9.79 -15.46
CA TRP B 14 -29.76 -10.04 -14.46
C TRP B 14 -29.44 -9.24 -13.21
N GLN B 15 -30.40 -8.41 -12.78
CA GLN B 15 -30.30 -7.79 -11.46
C GLN B 15 -30.52 -8.79 -10.35
N GLY B 16 -31.19 -9.90 -10.63
CA GLY B 16 -31.44 -10.93 -9.63
C GLY B 16 -30.28 -11.85 -9.33
N LEU B 17 -29.25 -11.87 -10.17
CA LEU B 17 -28.06 -12.67 -9.93
C LEU B 17 -27.13 -11.85 -9.04
N ILE B 18 -27.13 -12.16 -7.74
CA ILE B 18 -26.37 -11.38 -6.78
C ILE B 18 -25.24 -12.16 -6.13
N ASP B 19 -25.25 -13.50 -6.18
CA ASP B 19 -24.26 -14.32 -5.51
C ASP B 19 -23.16 -14.81 -6.45
N GLY B 20 -23.02 -14.19 -7.61
CA GLY B 20 -21.96 -14.57 -8.52
C GLY B 20 -22.00 -13.71 -9.77
N TRP B 21 -20.92 -13.83 -10.57
CA TRP B 21 -20.84 -13.10 -11.83
C TRP B 21 -21.64 -13.79 -12.92
N TYR B 22 -21.59 -15.11 -12.97
CA TYR B 22 -22.29 -15.90 -13.99
C TYR B 22 -23.15 -16.94 -13.30
N GLY B 23 -24.29 -17.23 -13.91
CA GLY B 23 -25.22 -18.15 -13.28
C GLY B 23 -26.33 -18.58 -14.21
N TYR B 24 -27.38 -19.14 -13.62
CA TYR B 24 -28.49 -19.71 -14.35
C TYR B 24 -29.81 -19.29 -13.71
N HIS B 25 -30.86 -19.32 -14.54
CA HIS B 25 -32.24 -19.17 -14.08
C HIS B 25 -33.05 -20.33 -14.64
N HIS B 26 -33.93 -20.90 -13.81
CA HIS B 26 -34.67 -22.09 -14.17
C HIS B 26 -36.14 -21.89 -13.87
N GLN B 27 -36.97 -22.70 -14.52
CA GLN B 27 -38.40 -22.77 -14.20
C GLN B 27 -38.92 -24.15 -14.52
N ASN B 28 -39.55 -24.78 -13.54
CA ASN B 28 -40.16 -26.10 -13.70
C ASN B 28 -41.40 -26.13 -12.82
N SER B 29 -41.92 -27.33 -12.55
CA SER B 29 -43.12 -27.47 -11.74
C SER B 29 -42.90 -26.97 -10.32
N GLU B 30 -41.72 -27.23 -9.76
CA GLU B 30 -41.45 -26.97 -8.35
C GLU B 30 -41.13 -25.51 -8.05
N GLY B 31 -40.88 -24.69 -9.05
CA GLY B 31 -40.68 -23.28 -8.80
C GLY B 31 -39.69 -22.69 -9.79
N SER B 32 -39.02 -21.62 -9.35
CA SER B 32 -38.09 -20.88 -10.17
C SER B 32 -37.10 -20.18 -9.25
N GLY B 33 -36.02 -19.68 -9.85
CA GLY B 33 -35.06 -18.91 -9.08
C GLY B 33 -33.77 -18.73 -9.85
N TYR B 34 -32.92 -17.87 -9.29
CA TYR B 34 -31.58 -17.63 -9.81
C TYR B 34 -30.57 -18.48 -9.04
N ALA B 35 -29.48 -18.82 -9.71
CA ALA B 35 -28.40 -19.58 -9.09
C ALA B 35 -27.11 -19.28 -9.83
N ALA B 36 -26.08 -18.90 -9.09
CA ALA B 36 -24.81 -18.53 -9.71
C ALA B 36 -23.95 -19.76 -9.94
N ASP B 37 -23.26 -19.78 -11.08
CA ASP B 37 -22.21 -20.76 -11.30
C ASP B 37 -21.03 -20.38 -10.42
N LYS B 38 -20.96 -20.94 -9.22
CA LYS B 38 -19.96 -20.53 -8.23
C LYS B 38 -18.54 -20.77 -8.75
N GLU B 39 -18.30 -21.91 -9.38
CA GLU B 39 -16.96 -22.26 -9.81
C GLU B 39 -16.47 -21.34 -10.93
N ALA B 40 -17.34 -21.05 -11.91
CA ALA B 40 -16.97 -20.13 -12.98
C ALA B 40 -16.72 -18.74 -12.43
N THR B 41 -17.51 -18.32 -11.45
CA THR B 41 -17.25 -17.05 -10.78
C THR B 41 -15.91 -17.06 -10.06
N GLN B 42 -15.60 -18.17 -9.39
CA GLN B 42 -14.31 -18.31 -8.72
C GLN B 42 -13.15 -18.12 -9.69
N LYS B 43 -13.20 -18.82 -10.82
CA LYS B 43 -12.08 -18.82 -11.76
C LYS B 43 -11.89 -17.44 -12.38
N ALA B 44 -12.98 -16.72 -12.64
CA ALA B 44 -12.88 -15.40 -13.22
C ALA B 44 -12.45 -14.35 -12.20
N VAL B 45 -12.86 -14.50 -10.94
CA VAL B 45 -12.45 -13.55 -9.90
C VAL B 45 -10.94 -13.60 -9.71
N ASP B 46 -10.36 -14.81 -9.73
CA ASP B 46 -8.91 -14.93 -9.64
C ASP B 46 -8.22 -14.26 -10.82
N ALA B 47 -8.77 -14.43 -12.03
CA ALA B 47 -8.16 -13.85 -13.22
C ALA B 47 -8.18 -12.33 -13.18
N ILE B 48 -9.31 -11.75 -12.76
CA ILE B 48 -9.42 -10.29 -12.72
C ILE B 48 -8.54 -9.73 -11.61
N THR B 49 -8.52 -10.39 -10.44
CA THR B 49 -7.66 -9.94 -9.35
C THR B 49 -6.19 -10.00 -9.75
N THR B 50 -5.79 -11.07 -10.44
CA THR B 50 -4.41 -11.20 -10.88
C THR B 50 -4.04 -10.10 -11.89
N LYS B 51 -4.96 -9.80 -12.82
CA LYS B 51 -4.68 -8.79 -13.84
C LYS B 51 -4.47 -7.42 -13.21
N VAL B 52 -5.34 -7.03 -12.27
CA VAL B 52 -5.18 -5.74 -11.62
C VAL B 52 -3.90 -5.69 -10.80
N ASN B 53 -3.61 -6.77 -10.07
CA ASN B 53 -2.40 -6.81 -9.27
C ASN B 53 -1.15 -6.76 -10.13
N ASN B 54 -1.17 -7.47 -11.27
CA ASN B 54 -0.02 -7.45 -12.18
C ASN B 54 0.23 -6.05 -12.71
N ILE B 55 -0.84 -5.35 -13.10
CA ILE B 55 -0.68 -3.98 -13.60
C ILE B 55 -0.17 -3.06 -12.50
N ILE B 56 -0.52 -3.35 -11.25
CA ILE B 56 -0.11 -2.51 -10.12
C ILE B 56 1.26 -2.92 -9.60
N ASP B 57 1.46 -4.21 -9.33
CA ASP B 57 2.67 -4.65 -8.63
C ASP B 57 3.90 -4.62 -9.53
N LYS B 58 3.72 -4.75 -10.84
CA LYS B 58 4.87 -4.74 -11.74
C LYS B 58 5.54 -3.38 -11.82
N MET B 59 4.90 -2.32 -11.33
CA MET B 59 5.53 -1.01 -11.32
C MET B 59 6.59 -0.95 -10.23
N ASN B 60 7.71 -1.64 -10.46
CA ASN B 60 8.84 -1.63 -9.54
C ASN B 60 9.81 -0.56 -10.01
N THR B 61 9.90 0.53 -9.25
CA THR B 61 10.57 1.74 -9.69
C THR B 61 11.82 2.01 -8.88
N GLN B 62 12.77 2.69 -9.51
CA GLN B 62 13.95 3.18 -8.80
C GLN B 62 13.55 4.30 -7.83
N PHE B 63 14.45 4.61 -6.92
CA PHE B 63 14.20 5.68 -5.95
C PHE B 63 14.00 7.01 -6.67
N GLU B 64 12.89 7.66 -6.40
CA GLU B 64 12.57 8.93 -7.03
C GLU B 64 13.24 10.07 -6.27
N SER B 65 13.80 11.02 -7.03
CA SER B 65 14.54 12.13 -6.46
C SER B 65 13.97 13.45 -6.95
N THR B 66 14.09 14.48 -6.11
CA THR B 66 13.68 15.83 -6.47
C THR B 66 14.88 16.77 -6.68
N ALA B 67 16.10 16.25 -6.58
CA ALA B 67 17.28 17.07 -6.80
C ALA B 67 17.46 17.34 -8.29
N LYS B 68 16.92 18.47 -8.76
CA LYS B 68 16.94 18.83 -10.17
C LYS B 68 17.31 20.30 -10.33
N GLU B 69 18.20 20.79 -9.47
CA GLU B 69 18.58 22.20 -9.44
C GLU B 69 19.99 22.36 -9.97
N PHE B 70 20.19 23.35 -10.83
CA PHE B 70 21.49 23.72 -11.34
C PHE B 70 21.71 25.21 -11.09
N ASN B 71 22.95 25.65 -11.20
CA ASN B 71 23.30 27.00 -10.80
C ASN B 71 22.74 28.01 -11.80
N LYS B 72 22.97 29.30 -11.51
CA LYS B 72 22.31 30.37 -12.25
C LYS B 72 22.79 30.46 -13.70
N ILE B 73 24.04 30.09 -13.97
CA ILE B 73 24.59 30.19 -15.32
C ILE B 73 24.51 28.83 -16.05
N GLU B 74 23.66 27.93 -15.58
CA GLU B 74 23.46 26.62 -16.19
C GLU B 74 22.00 26.40 -16.55
N MET B 75 21.34 27.42 -17.10
CA MET B 75 19.93 27.29 -17.45
C MET B 75 19.72 26.26 -18.55
N ARG B 76 20.71 26.10 -19.44
CA ARG B 76 20.59 25.09 -20.49
C ARG B 76 20.55 23.68 -19.92
N ILE B 77 21.32 23.44 -18.85
CA ILE B 77 21.27 22.14 -18.20
C ILE B 77 19.92 21.95 -17.49
N LYS B 78 19.39 23.02 -16.91
CA LYS B 78 18.06 22.94 -16.31
C LYS B 78 17.00 22.64 -17.37
N HIS B 79 17.13 23.24 -18.55
CA HIS B 79 16.19 22.95 -19.62
C HIS B 79 16.30 21.50 -20.07
N LEU B 80 17.52 20.96 -20.11
CA LEU B 80 17.68 19.54 -20.45
C LEU B 80 16.99 18.65 -19.41
N SER B 81 17.13 18.99 -18.13
CA SER B 81 16.40 18.26 -17.09
C SER B 81 14.90 18.43 -17.26
N ASP B 82 14.45 19.63 -17.63
CA ASP B 82 13.02 19.88 -17.81
C ASP B 82 12.44 19.03 -18.93
N ARG B 83 13.14 18.95 -20.07
CA ARG B 83 12.65 18.18 -21.20
C ARG B 83 12.83 16.68 -21.01
N VAL B 84 13.78 16.26 -20.17
CA VAL B 84 13.90 14.84 -19.84
C VAL B 84 12.65 14.37 -19.09
N ASP B 85 12.21 15.15 -18.11
CA ASP B 85 10.98 14.82 -17.39
C ASP B 85 9.76 14.95 -18.29
N ASP B 86 9.78 15.89 -19.23
CA ASP B 86 8.70 15.99 -20.20
C ASP B 86 8.61 14.74 -21.06
N GLY B 87 9.77 14.20 -21.47
CA GLY B 87 9.77 12.99 -22.28
C GLY B 87 9.18 11.79 -21.56
N PHE B 88 9.57 11.59 -20.30
CA PHE B 88 9.02 10.49 -19.52
C PHE B 88 7.55 10.72 -19.20
N LEU B 89 7.14 11.97 -19.01
CA LEU B 89 5.73 12.27 -18.80
C LEU B 89 4.90 11.87 -20.02
N ASP B 90 5.40 12.16 -21.22
CA ASP B 90 4.68 11.76 -22.43
C ASP B 90 4.69 10.25 -22.61
N VAL B 91 5.80 9.58 -22.27
CA VAL B 91 5.89 8.14 -22.44
C VAL B 91 4.93 7.43 -21.50
N TRP B 92 4.95 7.79 -20.22
CA TRP B 92 4.11 7.12 -19.24
C TRP B 92 2.63 7.43 -19.47
N SER B 93 2.31 8.68 -19.81
CA SER B 93 0.91 9.05 -20.02
C SER B 93 0.31 8.28 -21.18
N TYR B 94 1.00 8.26 -22.33
CA TYR B 94 0.47 7.57 -23.50
C TYR B 94 0.33 6.07 -23.24
N ASN B 95 1.36 5.46 -22.64
CA ASN B 95 1.31 4.03 -22.38
C ASN B 95 0.23 3.69 -21.35
N ALA B 96 0.05 4.54 -20.34
CA ALA B 96 -0.98 4.29 -19.33
C ALA B 96 -2.38 4.39 -19.92
N GLU B 97 -2.61 5.38 -20.79
CA GLU B 97 -3.93 5.53 -21.40
C GLU B 97 -4.31 4.31 -22.23
N LEU B 98 -3.42 3.89 -23.12
CA LEU B 98 -3.73 2.78 -24.02
C LEU B 98 -3.72 1.44 -23.29
N LEU B 99 -2.96 1.33 -22.20
CA LEU B 99 -3.02 0.13 -21.37
C LEU B 99 -4.43 -0.07 -20.81
N VAL B 100 -5.00 0.99 -20.24
CA VAL B 100 -6.33 0.90 -19.65
C VAL B 100 -7.38 0.66 -20.74
N LEU B 101 -7.25 1.36 -21.87
CA LEU B 101 -8.20 1.19 -22.96
C LEU B 101 -8.17 -0.24 -23.51
N LEU B 102 -6.97 -0.78 -23.73
CA LEU B 102 -6.86 -2.12 -24.28
C LEU B 102 -7.36 -3.16 -23.28
N GLU B 103 -6.93 -3.07 -22.02
CA GLU B 103 -7.30 -4.07 -21.03
C GLU B 103 -8.80 -4.03 -20.73
N ASN B 104 -9.40 -2.85 -20.73
CA ASN B 104 -10.85 -2.75 -20.48
C ASN B 104 -11.64 -3.46 -21.56
N GLU B 105 -11.24 -3.29 -22.83
CA GLU B 105 -11.91 -4.01 -23.90
C GLU B 105 -11.72 -5.51 -23.77
N ARG B 106 -10.53 -5.95 -23.37
CA ARG B 106 -10.27 -7.37 -23.21
C ARG B 106 -10.99 -7.94 -22.00
N THR B 107 -11.11 -7.15 -20.93
CA THR B 107 -11.81 -7.62 -19.74
C THR B 107 -13.28 -7.88 -20.03
N LEU B 108 -13.92 -6.98 -20.79
CA LEU B 108 -15.31 -7.20 -21.18
C LEU B 108 -15.44 -8.42 -22.08
N ASP B 109 -14.49 -8.61 -23.00
CA ASP B 109 -14.49 -9.81 -23.82
C ASP B 109 -14.27 -11.06 -22.96
N PHE B 110 -13.48 -10.94 -21.90
CA PHE B 110 -13.25 -12.07 -21.01
C PHE B 110 -14.54 -12.53 -20.35
N HIS B 111 -15.36 -11.58 -19.90
CA HIS B 111 -16.66 -11.94 -19.31
C HIS B 111 -17.58 -12.55 -20.34
N ASP B 112 -17.57 -12.02 -21.57
CA ASP B 112 -18.42 -12.57 -22.62
C ASP B 112 -18.05 -14.01 -22.94
N ALA B 113 -16.75 -14.31 -23.00
CA ALA B 113 -16.31 -15.67 -23.26
C ALA B 113 -16.74 -16.61 -22.15
N ASN B 114 -16.65 -16.17 -20.89
CA ASN B 114 -17.06 -17.00 -19.77
C ASN B 114 -18.56 -17.28 -19.82
N VAL B 115 -19.37 -16.27 -20.15
CA VAL B 115 -20.81 -16.47 -20.26
C VAL B 115 -21.12 -17.42 -21.41
N ASN B 116 -20.49 -17.21 -22.56
CA ASN B 116 -20.69 -18.09 -23.70
C ASN B 116 -20.24 -19.51 -23.39
N ASN B 117 -19.21 -19.67 -22.56
CA ASN B 117 -18.71 -21.01 -22.25
C ASN B 117 -19.68 -21.78 -21.36
N LEU B 118 -20.41 -21.09 -20.48
CA LEU B 118 -21.48 -21.76 -19.75
C LEU B 118 -22.62 -22.15 -20.67
N TYR B 119 -22.93 -21.28 -21.64
CA TYR B 119 -24.01 -21.55 -22.58
C TYR B 119 -23.70 -22.76 -23.46
N GLN B 120 -22.44 -22.95 -23.84
CA GLN B 120 -22.07 -24.09 -24.66
C GLN B 120 -22.11 -25.39 -23.86
N LYS B 121 -21.71 -25.34 -22.58
CA LYS B 121 -21.72 -26.54 -21.76
C LYS B 121 -23.14 -27.07 -21.55
N VAL B 122 -24.09 -26.16 -21.32
CA VAL B 122 -25.49 -26.57 -21.17
C VAL B 122 -26.04 -27.06 -22.51
N LYS B 123 -25.66 -26.40 -23.61
CA LYS B 123 -26.15 -26.78 -24.92
C LYS B 123 -25.73 -28.19 -25.30
N VAL B 124 -24.47 -28.55 -25.02
CA VAL B 124 -23.97 -29.86 -25.39
C VAL B 124 -24.48 -30.97 -24.47
N GLN B 125 -24.93 -30.61 -23.25
CA GLN B 125 -25.55 -31.60 -22.37
C GLN B 125 -26.96 -31.94 -22.81
N LEU B 126 -27.79 -30.91 -23.03
CA LEU B 126 -29.18 -31.13 -23.40
C LEU B 126 -29.31 -31.75 -24.79
N LYS B 127 -28.34 -31.47 -25.67
CA LYS B 127 -28.38 -31.92 -27.07
C LYS B 127 -29.72 -31.60 -27.71
N ASP B 128 -30.51 -32.61 -28.07
CA ASP B 128 -31.83 -32.37 -28.63
C ASP B 128 -32.96 -32.76 -27.68
N ASN B 129 -32.65 -32.92 -26.39
CA ASN B 129 -33.70 -32.99 -25.37
C ASN B 129 -34.24 -31.60 -25.03
N ALA B 130 -33.73 -30.56 -25.68
CA ALA B 130 -34.18 -29.19 -25.46
C ALA B 130 -34.08 -28.43 -26.77
N ILE B 131 -34.77 -27.29 -26.83
CA ILE B 131 -34.76 -26.42 -28.00
C ILE B 131 -34.10 -25.11 -27.61
N ASP B 132 -33.06 -24.73 -28.34
CA ASP B 132 -32.39 -23.45 -28.09
C ASP B 132 -33.30 -22.31 -28.56
N MET B 133 -33.75 -21.49 -27.61
CA MET B 133 -34.66 -20.40 -27.94
C MET B 133 -33.96 -19.20 -28.57
N GLY B 134 -32.63 -19.19 -28.59
CA GLY B 134 -31.89 -18.11 -29.20
C GLY B 134 -31.70 -16.89 -28.33
N ASN B 135 -32.25 -16.88 -27.12
CA ASN B 135 -32.10 -15.77 -26.19
C ASN B 135 -31.25 -16.14 -24.98
N GLY B 136 -30.50 -17.24 -25.07
CA GLY B 136 -29.76 -17.74 -23.94
C GLY B 136 -30.51 -18.71 -23.06
N CYS B 137 -31.70 -19.15 -23.48
CA CYS B 137 -32.51 -20.08 -22.72
C CYS B 137 -32.79 -21.32 -23.55
N PHE B 138 -33.12 -22.42 -22.87
CA PHE B 138 -33.39 -23.70 -23.50
C PHE B 138 -34.78 -24.17 -23.10
N LYS B 139 -35.52 -24.70 -24.09
CA LYS B 139 -36.89 -25.19 -23.89
C LYS B 139 -36.81 -26.70 -23.72
N ILE B 140 -36.72 -27.14 -22.47
CA ILE B 140 -36.58 -28.56 -22.17
C ILE B 140 -37.78 -29.32 -22.73
N LEU B 141 -37.51 -30.34 -23.56
CA LEU B 141 -38.55 -31.15 -24.17
C LEU B 141 -39.04 -32.27 -23.26
N HIS B 142 -38.81 -32.17 -21.96
CA HIS B 142 -39.25 -33.17 -21.00
C HIS B 142 -39.41 -32.50 -19.64
N LYS B 143 -40.07 -33.20 -18.72
CA LYS B 143 -40.15 -32.69 -17.36
C LYS B 143 -38.77 -32.77 -16.71
N CYS B 144 -38.31 -31.66 -16.15
CA CYS B 144 -36.99 -31.54 -15.54
C CYS B 144 -37.19 -31.10 -14.10
N ASN B 145 -37.24 -32.06 -13.17
CA ASN B 145 -37.50 -31.71 -11.79
C ASN B 145 -36.23 -31.11 -11.16
N ASN B 146 -36.34 -30.69 -9.90
CA ASN B 146 -35.26 -29.92 -9.29
C ASN B 146 -33.94 -30.69 -9.29
N THR B 147 -34.00 -32.02 -9.17
CA THR B 147 -32.79 -32.83 -9.32
C THR B 147 -32.23 -32.71 -10.73
N CYS B 148 -33.11 -32.71 -11.73
CA CYS B 148 -32.66 -32.59 -13.12
C CYS B 148 -31.97 -31.24 -13.35
N MET B 149 -32.53 -30.16 -12.82
CA MET B 149 -31.92 -28.84 -13.00
C MET B 149 -30.54 -28.78 -12.36
N ASP B 150 -30.39 -29.37 -11.16
CA ASP B 150 -29.09 -29.38 -10.50
C ASP B 150 -28.07 -30.18 -11.29
N ASP B 151 -28.51 -31.28 -11.91
CA ASP B 151 -27.61 -32.09 -12.73
C ASP B 151 -27.09 -31.30 -13.93
N ILE B 152 -27.95 -30.49 -14.55
CA ILE B 152 -27.50 -29.64 -15.66
C ILE B 152 -26.46 -28.64 -15.20
N LYS B 153 -26.70 -28.00 -14.05
CA LYS B 153 -25.77 -27.00 -13.54
C LYS B 153 -24.48 -27.62 -13.02
N ASN B 154 -24.51 -28.90 -12.64
CA ASN B 154 -23.32 -29.60 -12.18
C ASN B 154 -22.61 -30.35 -13.30
N GLY B 155 -23.14 -30.33 -14.52
CA GLY B 155 -22.54 -31.04 -15.62
C GLY B 155 -22.75 -32.55 -15.58
N THR B 156 -23.80 -33.02 -14.92
CA THR B 156 -24.07 -34.45 -14.79
C THR B 156 -25.44 -34.82 -15.34
N TYR B 157 -26.03 -33.98 -16.19
CA TYR B 157 -27.27 -34.34 -16.86
C TYR B 157 -27.02 -35.47 -17.84
N ASN B 158 -27.93 -36.44 -17.87
CA ASN B 158 -27.81 -37.61 -18.73
C ASN B 158 -28.71 -37.43 -19.95
N TYR B 159 -28.10 -37.51 -21.13
CA TYR B 159 -28.85 -37.37 -22.38
C TYR B 159 -29.79 -38.55 -22.61
N TYR B 160 -29.29 -39.76 -22.44
CA TYR B 160 -30.05 -40.96 -22.75
C TYR B 160 -31.13 -41.27 -21.72
N GLU B 161 -31.09 -40.61 -20.55
CA GLU B 161 -32.11 -40.88 -19.53
C GLU B 161 -33.46 -40.28 -19.91
N TYR B 162 -33.46 -39.05 -20.42
CA TYR B 162 -34.68 -38.38 -20.85
C TYR B 162 -34.88 -38.42 -22.35
N ARG B 163 -34.12 -39.27 -23.06
CA ARG B 163 -34.13 -39.23 -24.52
C ARG B 163 -35.47 -39.65 -25.11
N LYS B 164 -36.05 -40.75 -24.60
CA LYS B 164 -37.32 -41.20 -25.15
C LYS B 164 -38.43 -40.20 -24.88
N GLU B 165 -38.48 -39.66 -23.66
CA GLU B 165 -39.52 -38.70 -23.31
C GLU B 165 -39.42 -37.43 -24.17
N SER B 166 -38.19 -36.98 -24.43
CA SER B 166 -38.00 -35.80 -25.26
C SER B 166 -38.40 -36.06 -26.71
N HIS B 167 -38.15 -37.26 -27.20
CA HIS B 167 -38.45 -37.58 -28.60
C HIS B 167 -39.95 -37.49 -28.88
N LEU B 168 -40.77 -38.01 -27.97
CA LEU B 168 -42.21 -37.94 -28.16
C LEU B 168 -42.72 -36.51 -28.11
N GLU B 169 -42.14 -35.68 -27.24
CA GLU B 169 -42.54 -34.27 -27.18
C GLU B 169 -42.09 -33.52 -28.43
N LYS B 170 -41.01 -33.95 -29.06
CA LYS B 170 -40.54 -33.27 -30.27
C LYS B 170 -41.44 -33.55 -31.46
N GLN B 171 -41.85 -34.82 -31.64
CA GLN B 171 -42.70 -35.16 -32.78
C GLN B 171 -44.08 -34.53 -32.67
N LYS B 172 -44.53 -34.20 -31.46
CA LYS B 172 -45.76 -33.41 -31.32
C LYS B 172 -45.57 -32.02 -31.91
N ILE B 173 -44.41 -31.41 -31.68
CA ILE B 173 -44.13 -30.08 -32.23
C ILE B 173 -44.06 -30.13 -33.75
N ASP B 174 -43.55 -31.23 -34.30
CA ASP B 174 -43.49 -31.40 -35.75
C ASP B 174 -44.88 -31.63 -36.33
N GLN C 1 -22.23 -1.54 14.41
CA GLN C 1 -23.60 -1.58 13.92
C GLN C 1 -23.89 -2.93 13.25
N VAL C 2 -22.87 -3.50 12.61
CA VAL C 2 -22.99 -4.77 11.91
C VAL C 2 -22.46 -5.86 12.84
N GLN C 3 -23.35 -6.74 13.29
CA GLN C 3 -22.97 -7.84 14.17
C GLN C 3 -24.12 -8.83 14.26
N LEU C 4 -23.78 -10.08 14.54
CA LEU C 4 -24.75 -11.15 14.72
C LEU C 4 -24.87 -11.51 16.20
N VAL C 5 -25.98 -12.17 16.54
CA VAL C 5 -26.27 -12.57 17.91
C VAL C 5 -26.83 -13.98 17.88
N GLU C 6 -26.08 -14.95 18.41
CA GLU C 6 -26.55 -16.32 18.52
C GLU C 6 -27.32 -16.52 19.82
N SER C 7 -28.19 -17.53 19.82
CA SER C 7 -28.97 -17.86 21.01
C SER C 7 -29.52 -19.27 20.83
N GLY C 8 -30.04 -19.82 21.93
CA GLY C 8 -30.69 -21.12 21.94
C GLY C 8 -29.84 -22.26 22.47
N GLY C 9 -28.58 -22.02 22.79
CA GLY C 9 -27.73 -23.09 23.30
C GLY C 9 -27.99 -23.37 24.78
N GLY C 10 -27.64 -24.58 25.19
CA GLY C 10 -27.82 -24.98 26.57
C GLY C 10 -27.44 -26.42 26.79
N VAL C 11 -27.68 -26.89 28.01
CA VAL C 11 -27.40 -28.28 28.37
C VAL C 11 -28.55 -29.14 27.88
N VAL C 12 -28.21 -30.25 27.21
CA VAL C 12 -29.22 -31.09 26.56
C VAL C 12 -28.75 -32.54 26.64
N GLN C 13 -29.71 -33.44 26.88
CA GLN C 13 -29.43 -34.87 26.95
C GLN C 13 -29.19 -35.44 25.56
N PRO C 14 -28.47 -36.57 25.48
CA PRO C 14 -28.23 -37.19 24.16
C PRO C 14 -29.53 -37.59 23.49
N GLY C 15 -29.58 -37.40 22.18
CA GLY C 15 -30.73 -37.77 21.37
C GLY C 15 -31.82 -36.72 21.30
N ARG C 16 -31.72 -35.64 22.07
CA ARG C 16 -32.74 -34.59 22.05
C ARG C 16 -32.46 -33.60 20.93
N SER C 17 -33.28 -32.55 20.88
CA SER C 17 -33.22 -31.59 19.77
C SER C 17 -33.09 -30.17 20.31
N LEU C 18 -32.38 -29.34 19.55
CA LEU C 18 -32.27 -27.91 19.82
C LEU C 18 -32.37 -27.16 18.51
N ARG C 19 -32.82 -25.91 18.61
CA ARG C 19 -32.85 -24.99 17.49
C ARG C 19 -32.10 -23.73 17.88
N LEU C 20 -31.08 -23.37 17.10
CA LEU C 20 -30.29 -22.17 17.34
C LEU C 20 -30.83 -21.02 16.49
N SER C 21 -30.63 -19.81 16.99
CA SER C 21 -31.07 -18.60 16.29
C SER C 21 -29.90 -17.64 16.18
N CYS C 22 -29.79 -16.98 15.02
CA CYS C 22 -28.73 -16.01 14.76
C CYS C 22 -29.41 -14.73 14.26
N ALA C 23 -29.52 -13.73 15.12
CA ALA C 23 -30.19 -12.48 14.78
C ALA C 23 -29.18 -11.52 14.17
N ALA C 24 -29.44 -11.11 12.93
CA ALA C 24 -28.54 -10.24 12.17
C ALA C 24 -29.11 -8.83 12.09
N SER C 25 -28.22 -7.85 12.09
CA SER C 25 -28.62 -6.45 11.96
C SER C 25 -27.46 -5.66 11.38
N GLY C 26 -27.80 -4.50 10.79
CA GLY C 26 -26.81 -3.59 10.27
C GLY C 26 -26.41 -3.81 8.82
N PHE C 27 -26.83 -4.90 8.21
CA PHE C 27 -26.43 -5.22 6.85
C PHE C 27 -27.58 -5.92 6.14
N PRO C 28 -27.57 -5.95 4.80
CA PRO C 28 -28.66 -6.64 4.08
C PRO C 28 -28.57 -8.15 4.22
N PHE C 29 -29.16 -8.66 5.30
CA PHE C 29 -29.04 -10.08 5.63
C PHE C 29 -29.53 -10.99 4.51
N SER C 30 -30.51 -10.54 3.73
CA SER C 30 -31.08 -11.39 2.69
C SER C 30 -30.25 -11.43 1.41
N SER C 31 -29.13 -10.72 1.35
CA SER C 31 -28.24 -10.79 0.21
C SER C 31 -27.10 -11.78 0.40
N TYR C 32 -26.73 -12.05 1.65
CA TYR C 32 -25.63 -12.93 1.96
C TYR C 32 -26.11 -14.36 2.16
N GLY C 33 -25.28 -15.31 1.75
CA GLY C 33 -25.35 -16.64 2.31
C GLY C 33 -24.87 -16.62 3.75
N MET C 34 -25.15 -17.70 4.47
CA MET C 34 -24.76 -17.76 5.87
C MET C 34 -24.23 -19.15 6.19
N HIS C 35 -23.38 -19.21 7.20
CA HIS C 35 -22.75 -20.46 7.63
C HIS C 35 -22.84 -20.61 9.14
N TRP C 36 -22.84 -21.85 9.60
CA TRP C 36 -22.69 -22.17 11.00
C TRP C 36 -21.34 -22.87 11.19
N VAL C 37 -20.56 -22.39 12.15
CA VAL C 37 -19.25 -22.96 12.46
C VAL C 37 -19.20 -23.22 13.96
N ARG C 38 -18.83 -24.43 14.34
CA ARG C 38 -18.79 -24.83 15.74
C ARG C 38 -17.35 -25.14 16.15
N GLN C 39 -17.09 -25.00 17.45
CA GLN C 39 -15.76 -25.22 18.01
C GLN C 39 -15.90 -26.00 19.31
N ALA C 40 -15.44 -27.25 19.31
CA ALA C 40 -15.45 -28.04 20.53
C ALA C 40 -14.44 -27.46 21.53
N PRO C 41 -14.72 -27.59 22.82
CA PRO C 41 -13.79 -27.06 23.84
C PRO C 41 -12.40 -27.63 23.67
N GLY C 42 -11.42 -26.74 23.49
CA GLY C 42 -10.03 -27.14 23.34
C GLY C 42 -9.65 -27.64 21.96
N LYS C 43 -10.58 -27.64 21.00
CA LYS C 43 -10.34 -28.14 19.66
C LYS C 43 -10.46 -27.00 18.65
N GLY C 44 -10.33 -27.35 17.37
CA GLY C 44 -10.34 -26.37 16.30
C GLY C 44 -11.73 -26.06 15.80
N LEU C 45 -11.78 -25.27 14.72
CA LEU C 45 -13.03 -24.84 14.12
C LEU C 45 -13.50 -25.87 13.10
N GLU C 46 -14.80 -26.16 13.13
CA GLU C 46 -15.42 -27.10 12.20
C GLU C 46 -16.65 -26.44 11.58
N TRP C 47 -16.68 -26.38 10.26
CA TRP C 47 -17.85 -25.90 9.54
C TRP C 47 -18.88 -27.02 9.46
N VAL C 48 -20.14 -26.70 9.74
CA VAL C 48 -21.20 -27.70 9.82
C VAL C 48 -22.25 -27.50 8.73
N ALA C 49 -22.64 -26.27 8.44
CA ALA C 49 -23.74 -26.06 7.50
C ALA C 49 -23.65 -24.67 6.89
N GLY C 50 -24.29 -24.53 5.74
CA GLY C 50 -24.38 -23.25 5.05
C GLY C 50 -25.62 -23.21 4.19
N VAL C 51 -26.13 -22.01 3.96
CA VAL C 51 -27.35 -21.81 3.20
C VAL C 51 -27.19 -20.59 2.30
N SER C 52 -27.77 -20.65 1.10
CA SER C 52 -27.70 -19.54 0.17
C SER C 52 -28.56 -18.38 0.66
N TYR C 53 -28.47 -17.25 -0.05
CA TYR C 53 -29.17 -16.03 0.38
C TYR C 53 -30.68 -16.23 0.35
N ASP C 54 -31.20 -16.91 -0.68
CA ASP C 54 -32.63 -17.13 -0.80
C ASP C 54 -33.09 -18.42 -0.15
N GLY C 55 -32.19 -19.17 0.47
CA GLY C 55 -32.55 -20.40 1.14
C GLY C 55 -32.79 -21.59 0.24
N SER C 56 -32.58 -21.43 -1.08
CA SER C 56 -32.87 -22.51 -2.02
C SER C 56 -31.84 -23.62 -1.98
N TYR C 57 -30.61 -23.32 -1.57
CA TYR C 57 -29.51 -24.28 -1.61
C TYR C 57 -28.87 -24.39 -0.24
N LYS C 58 -28.61 -25.62 0.19
CA LYS C 58 -28.13 -25.88 1.54
C LYS C 58 -27.01 -26.91 1.49
N TYR C 59 -25.96 -26.66 2.28
CA TYR C 59 -24.77 -27.50 2.30
C TYR C 59 -24.49 -27.92 3.73
N TYR C 60 -24.14 -29.19 3.92
CA TYR C 60 -23.93 -29.75 5.23
C TYR C 60 -22.64 -30.54 5.28
N ALA C 61 -21.93 -30.45 6.41
CA ALA C 61 -20.82 -31.35 6.65
C ALA C 61 -21.34 -32.76 6.91
N ASP C 62 -20.50 -33.75 6.62
CA ASP C 62 -20.92 -35.14 6.75
C ASP C 62 -21.26 -35.49 8.20
N SER C 63 -20.64 -34.79 9.17
CA SER C 63 -20.81 -35.15 10.56
C SER C 63 -22.20 -34.79 11.11
N VAL C 64 -22.96 -33.96 10.40
CA VAL C 64 -24.25 -33.52 10.90
C VAL C 64 -25.34 -33.78 9.86
N LYS C 65 -24.98 -34.50 8.80
CA LYS C 65 -25.92 -34.76 7.71
C LYS C 65 -27.07 -35.64 8.20
N GLY C 66 -28.29 -35.25 7.81
CA GLY C 66 -29.48 -35.98 8.20
C GLY C 66 -30.00 -35.66 9.58
N ARG C 67 -29.23 -34.96 10.40
CA ARG C 67 -29.63 -34.57 11.74
C ARG C 67 -29.77 -33.07 11.92
N PHE C 68 -28.96 -32.27 11.23
CA PHE C 68 -29.03 -30.82 11.32
C PHE C 68 -29.73 -30.26 10.09
N THR C 69 -30.53 -29.23 10.31
CA THR C 69 -31.20 -28.53 9.21
C THR C 69 -31.00 -27.03 9.40
N ILE C 70 -30.41 -26.39 8.41
CA ILE C 70 -30.23 -24.96 8.42
C ILE C 70 -31.47 -24.32 7.78
N SER C 71 -31.70 -23.05 8.09
CA SER C 71 -32.83 -22.31 7.51
C SER C 71 -32.70 -20.85 7.92
N ARG C 72 -33.51 -20.01 7.29
CA ARG C 72 -33.46 -18.58 7.54
C ARG C 72 -34.85 -17.98 7.38
N ASP C 73 -35.05 -16.83 8.03
CA ASP C 73 -36.28 -16.05 7.97
C ASP C 73 -35.93 -14.67 7.43
N SER C 74 -36.41 -14.36 6.23
CA SER C 74 -36.08 -13.08 5.61
C SER C 74 -36.70 -11.91 6.38
N SER C 75 -37.96 -12.05 6.79
CA SER C 75 -38.64 -10.93 7.45
C SER C 75 -38.07 -10.66 8.84
N LYS C 76 -37.55 -11.68 9.51
CA LYS C 76 -36.96 -11.50 10.84
C LYS C 76 -35.45 -11.32 10.81
N SER C 77 -34.82 -11.44 9.63
CA SER C 77 -33.37 -11.32 9.49
C SER C 77 -32.65 -12.27 10.45
N THR C 78 -33.14 -13.50 10.53
CA THR C 78 -32.65 -14.47 11.49
C THR C 78 -32.28 -15.77 10.78
N LEU C 79 -31.19 -16.38 11.22
CA LEU C 79 -30.71 -17.66 10.71
C LEU C 79 -30.91 -18.72 11.78
N TYR C 80 -31.31 -19.92 11.35
CA TYR C 80 -31.63 -21.01 12.26
C TYR C 80 -30.81 -22.25 11.95
N LEU C 81 -30.54 -23.03 13.00
CA LEU C 81 -29.91 -24.34 12.86
C LEU C 81 -30.68 -25.31 13.75
N GLN C 82 -31.50 -26.16 13.13
CA GLN C 82 -32.23 -27.19 13.87
C GLN C 82 -31.33 -28.40 14.04
N MET C 83 -31.10 -28.79 15.29
CA MET C 83 -30.16 -29.86 15.63
C MET C 83 -30.93 -31.02 16.24
N ASN C 84 -30.95 -32.16 15.55
CA ASN C 84 -31.67 -33.35 16.00
C ASN C 84 -30.70 -34.46 16.34
N SER C 85 -31.18 -35.40 17.16
CA SER C 85 -30.42 -36.60 17.54
C SER C 85 -29.03 -36.22 18.08
N LEU C 86 -29.03 -35.27 19.02
CA LEU C 86 -27.78 -34.71 19.50
C LEU C 86 -26.92 -35.77 20.19
N ARG C 87 -25.62 -35.68 19.99
CA ARG C 87 -24.64 -36.62 20.50
C ARG C 87 -23.60 -35.87 21.31
N PRO C 88 -22.88 -36.55 22.21
CA PRO C 88 -21.84 -35.87 22.99
C PRO C 88 -20.78 -35.21 22.13
N GLU C 89 -20.49 -35.76 20.95
CA GLU C 89 -19.53 -35.17 20.04
C GLU C 89 -20.07 -33.91 19.36
N ASP C 90 -21.36 -33.62 19.50
CA ASP C 90 -21.91 -32.36 19.02
C ASP C 90 -21.66 -31.20 19.97
N THR C 91 -21.12 -31.47 21.15
CA THR C 91 -20.87 -30.41 22.14
C THR C 91 -19.82 -29.45 21.63
N ALA C 92 -20.20 -28.17 21.50
CA ALA C 92 -19.30 -27.15 20.96
C ALA C 92 -19.95 -25.79 21.17
N VAL C 93 -19.16 -24.75 20.97
CA VAL C 93 -19.66 -23.39 20.86
C VAL C 93 -20.00 -23.12 19.40
N TYR C 94 -21.22 -22.71 19.14
CA TYR C 94 -21.74 -22.61 17.78
C TYR C 94 -21.78 -21.15 17.36
N TYR C 95 -21.11 -20.84 16.24
CA TYR C 95 -21.08 -19.51 15.68
C TYR C 95 -21.83 -19.47 14.35
N CYS C 96 -22.46 -18.34 14.08
CA CYS C 96 -22.97 -18.04 12.75
C CYS C 96 -22.05 -17.02 12.10
N ALA C 97 -21.59 -17.31 10.89
CA ALA C 97 -20.56 -16.52 10.23
C ALA C 97 -21.06 -16.06 8.86
N ARG C 98 -20.71 -14.82 8.52
CA ARG C 98 -21.10 -14.23 7.24
C ARG C 98 -19.93 -14.35 6.26
N PRO C 99 -20.11 -14.98 5.10
CA PRO C 99 -19.06 -14.97 4.09
C PRO C 99 -18.85 -13.58 3.52
N SER C 100 -17.59 -13.25 3.24
CA SER C 100 -17.26 -11.94 2.71
C SER C 100 -17.69 -11.81 1.26
N ALA C 101 -18.17 -10.62 0.90
CA ALA C 101 -18.43 -10.29 -0.50
C ALA C 101 -17.16 -9.74 -1.14
N ILE C 102 -17.11 -9.84 -2.46
CA ILE C 102 -15.98 -9.36 -3.23
C ILE C 102 -16.47 -8.92 -4.60
N PHE C 103 -15.87 -7.87 -5.14
CA PHE C 103 -16.28 -7.28 -6.42
C PHE C 103 -17.77 -6.96 -6.46
N GLY C 104 -18.40 -6.81 -5.29
CA GLY C 104 -19.81 -6.49 -5.23
C GLY C 104 -20.76 -7.66 -5.36
N ILE C 105 -20.27 -8.88 -5.42
CA ILE C 105 -21.12 -10.06 -5.48
C ILE C 105 -20.98 -10.86 -4.19
N TYR C 106 -22.12 -11.29 -3.65
CA TYR C 106 -22.17 -11.97 -2.36
C TYR C 106 -21.92 -13.47 -2.57
N ILE C 107 -20.66 -13.82 -2.77
CA ILE C 107 -20.27 -15.21 -2.96
C ILE C 107 -20.31 -15.93 -1.61
N ILE C 108 -20.93 -17.12 -1.60
CA ILE C 108 -21.04 -17.87 -0.36
C ILE C 108 -19.73 -18.56 0.02
N LEU C 109 -18.86 -18.85 -0.95
CA LEU C 109 -17.58 -19.49 -0.69
C LEU C 109 -16.52 -18.40 -0.61
N ASN C 110 -16.18 -18.00 0.61
CA ASN C 110 -15.18 -16.95 0.84
C ASN C 110 -14.76 -17.01 2.30
N GLY C 111 -13.97 -16.04 2.73
CA GLY C 111 -13.69 -15.88 4.13
C GLY C 111 -14.88 -15.35 4.89
N LEU C 112 -14.84 -15.50 6.21
CA LEU C 112 -15.95 -15.14 7.09
C LEU C 112 -15.58 -13.87 7.83
N ASP C 113 -16.25 -12.76 7.49
CA ASP C 113 -15.87 -11.46 8.03
C ASP C 113 -16.59 -11.09 9.31
N VAL C 114 -17.78 -11.65 9.55
CA VAL C 114 -18.57 -11.31 10.73
C VAL C 114 -18.91 -12.58 11.49
N TRP C 115 -18.65 -12.57 12.80
CA TRP C 115 -19.03 -13.65 13.70
C TRP C 115 -19.73 -13.06 14.91
N GLY C 116 -20.61 -13.86 15.52
CA GLY C 116 -21.20 -13.51 16.79
C GLY C 116 -20.36 -14.05 17.95
N GLN C 117 -20.77 -13.67 19.16
CA GLN C 117 -20.08 -14.16 20.35
C GLN C 117 -20.19 -15.67 20.49
N GLY C 118 -21.19 -16.28 19.86
CA GLY C 118 -21.38 -17.71 19.92
C GLY C 118 -22.31 -18.13 21.06
N THR C 119 -22.90 -19.30 20.88
CA THR C 119 -23.75 -19.91 21.90
C THR C 119 -23.24 -21.32 22.18
N THR C 120 -23.35 -21.73 23.43
CA THR C 120 -22.76 -22.99 23.89
C THR C 120 -23.82 -24.08 23.96
N VAL C 121 -23.53 -25.21 23.34
CA VAL C 121 -24.38 -26.39 23.39
C VAL C 121 -23.58 -27.51 24.04
N THR C 122 -24.07 -28.02 25.16
CA THR C 122 -23.42 -29.09 25.90
C THR C 122 -24.35 -30.31 25.90
N VAL C 123 -23.87 -31.41 25.33
CA VAL C 123 -24.64 -32.65 25.24
C VAL C 123 -24.00 -33.64 26.20
N SER C 124 -24.74 -34.01 27.25
CA SER C 124 -24.26 -34.98 28.24
C SER C 124 -25.42 -35.50 29.07
N GLU D 1 -12.86 -34.10 0.40
CA GLU D 1 -12.60 -33.07 1.40
C GLU D 1 -11.16 -32.59 1.34
N ILE D 2 -10.99 -31.27 1.26
CA ILE D 2 -9.67 -30.65 1.28
C ILE D 2 -9.23 -30.46 2.73
N VAL D 3 -8.07 -30.99 3.07
CA VAL D 3 -7.55 -30.96 4.43
C VAL D 3 -6.40 -29.96 4.49
N LEU D 4 -6.42 -29.10 5.51
CA LEU D 4 -5.40 -28.08 5.67
C LEU D 4 -4.51 -28.47 6.85
N THR D 5 -3.21 -28.58 6.59
CA THR D 5 -2.23 -28.97 7.59
C THR D 5 -1.46 -27.73 8.02
N GLN D 6 -1.60 -27.35 9.29
CA GLN D 6 -1.02 -26.13 9.83
C GLN D 6 0.24 -26.44 10.60
N SER D 7 1.30 -25.67 10.35
CA SER D 7 2.57 -25.85 11.05
C SER D 7 3.11 -24.50 11.49
N PRO D 8 3.68 -24.43 12.71
CA PRO D 8 3.77 -25.49 13.72
C PRO D 8 2.47 -25.59 14.51
N SER D 9 2.26 -26.66 15.31
CA SER D 9 1.08 -26.69 16.17
C SER D 9 1.13 -25.57 17.20
N SER D 10 2.32 -25.14 17.60
CA SER D 10 2.50 -24.03 18.52
C SER D 10 3.91 -23.49 18.38
N VAL D 11 4.12 -22.27 18.84
CA VAL D 11 5.43 -21.63 18.84
C VAL D 11 5.46 -20.59 19.93
N SER D 12 6.65 -20.42 20.53
CA SER D 12 6.88 -19.42 21.55
C SER D 12 7.81 -18.33 21.02
N ALA D 13 7.47 -17.08 21.30
CA ALA D 13 8.25 -15.96 20.81
C ALA D 13 8.04 -14.78 21.75
N SER D 14 8.90 -13.77 21.62
CA SER D 14 8.82 -12.54 22.38
C SER D 14 8.33 -11.41 21.48
N VAL D 15 8.07 -10.27 22.11
CA VAL D 15 7.57 -9.10 21.37
C VAL D 15 8.65 -8.59 20.43
N GLY D 16 8.25 -8.25 19.20
CA GLY D 16 9.18 -7.83 18.19
C GLY D 16 9.74 -8.93 17.32
N ASP D 17 9.39 -10.19 17.60
CA ASP D 17 9.88 -11.30 16.80
C ASP D 17 9.16 -11.36 15.46
N ARG D 18 9.72 -12.16 14.55
CA ARG D 18 9.08 -12.48 13.28
C ARG D 18 8.56 -13.91 13.35
N VAL D 19 7.26 -14.07 13.12
CA VAL D 19 6.58 -15.35 13.30
C VAL D 19 6.06 -15.81 11.94
N THR D 20 6.38 -17.05 11.58
CA THR D 20 5.93 -17.66 10.34
C THR D 20 5.05 -18.86 10.65
N ILE D 21 3.84 -18.88 10.08
CA ILE D 21 2.93 -20.00 10.19
C ILE D 21 2.53 -20.42 8.78
N THR D 22 2.61 -21.71 8.49
CA THR D 22 2.32 -22.24 7.16
C THR D 22 1.05 -23.06 7.18
N CYS D 23 0.39 -23.11 6.02
CA CYS D 23 -0.84 -23.88 5.84
C CYS D 23 -0.74 -24.63 4.52
N ARG D 24 -0.86 -25.95 4.57
CA ARG D 24 -0.67 -26.83 3.42
C ARG D 24 -1.99 -27.51 3.06
N ALA D 25 -2.35 -27.47 1.77
CA ALA D 25 -3.59 -28.03 1.29
C ALA D 25 -3.32 -29.27 0.44
N THR D 26 -4.27 -30.22 0.49
CA THR D 26 -4.13 -31.45 -0.28
C THR D 26 -4.28 -31.22 -1.77
N GLN D 27 -4.91 -30.12 -2.18
CA GLN D 27 -5.13 -29.85 -3.59
C GLN D 27 -5.16 -28.35 -3.81
N GLY D 28 -5.08 -27.94 -5.07
CA GLY D 28 -5.07 -26.54 -5.42
C GLY D 28 -6.32 -25.80 -4.98
N ILE D 29 -6.15 -24.81 -4.10
CA ILE D 29 -7.24 -23.94 -3.70
C ILE D 29 -7.01 -22.52 -4.21
N SER D 30 -6.14 -22.36 -5.22
CA SER D 30 -5.85 -21.09 -5.88
C SER D 30 -5.48 -20.00 -4.88
N SER D 31 -6.41 -19.09 -4.62
CA SER D 31 -6.20 -18.00 -3.67
C SER D 31 -7.23 -17.99 -2.54
N TRP D 32 -8.13 -18.97 -2.49
CA TRP D 32 -9.22 -18.96 -1.53
C TRP D 32 -8.74 -19.55 -0.20
N LEU D 33 -7.91 -18.76 0.48
CA LEU D 33 -7.46 -19.05 1.82
C LEU D 33 -7.75 -17.85 2.71
N ALA D 34 -8.05 -18.12 3.97
CA ALA D 34 -8.30 -17.09 4.96
C ALA D 34 -7.49 -17.39 6.22
N TRP D 35 -7.11 -16.32 6.92
CA TRP D 35 -6.40 -16.42 8.19
C TRP D 35 -7.23 -15.74 9.27
N TYR D 36 -7.34 -16.39 10.43
CA TYR D 36 -8.14 -15.90 11.53
C TYR D 36 -7.30 -15.82 12.79
N GLN D 37 -7.60 -14.81 13.61
CA GLN D 37 -7.00 -14.65 14.94
C GLN D 37 -8.09 -14.82 15.99
N GLN D 38 -7.81 -15.66 16.98
CA GLN D 38 -8.81 -15.99 18.01
C GLN D 38 -8.16 -15.94 19.38
N LYS D 39 -8.63 -14.99 20.23
CA LYS D 39 -8.34 -14.89 21.66
C LYS D 39 -9.32 -15.79 22.43
N PRO D 40 -8.89 -16.34 23.56
CA PRO D 40 -9.77 -17.27 24.29
C PRO D 40 -11.07 -16.62 24.69
N GLY D 41 -12.17 -17.37 24.51
CA GLY D 41 -13.49 -16.89 24.84
C GLY D 41 -14.12 -15.97 23.82
N LYS D 42 -13.42 -15.67 22.73
CA LYS D 42 -13.89 -14.74 21.73
C LYS D 42 -14.02 -15.42 20.37
N PRO D 43 -14.90 -14.93 19.50
CA PRO D 43 -15.03 -15.51 18.16
C PRO D 43 -13.81 -15.20 17.31
N PRO D 44 -13.56 -15.97 16.26
CA PRO D 44 -12.43 -15.68 15.36
C PRO D 44 -12.61 -14.34 14.66
N LYS D 45 -11.48 -13.72 14.34
CA LYS D 45 -11.43 -12.45 13.64
C LYS D 45 -10.75 -12.64 12.30
N LEU D 46 -11.33 -12.09 11.24
CA LEU D 46 -10.77 -12.24 9.90
C LEU D 46 -9.59 -11.29 9.74
N LEU D 47 -8.42 -11.86 9.44
CA LEU D 47 -7.21 -11.07 9.20
C LEU D 47 -6.87 -10.96 7.72
N ILE D 48 -6.78 -12.11 7.03
CA ILE D 48 -6.35 -12.15 5.63
C ILE D 48 -7.39 -12.92 4.84
N PHE D 49 -7.78 -12.38 3.68
CA PHE D 49 -8.60 -13.09 2.72
C PHE D 49 -7.92 -13.03 1.35
N GLY D 50 -8.32 -13.90 0.45
CA GLY D 50 -7.57 -14.01 -0.77
C GLY D 50 -6.14 -14.49 -0.63
N ALA D 51 -5.76 -15.00 0.55
CA ALA D 51 -4.43 -15.53 0.87
C ALA D 51 -3.37 -14.44 0.98
N SER D 52 -3.69 -13.21 0.56
CA SER D 52 -2.78 -12.09 0.77
C SER D 52 -3.45 -10.78 1.14
N SER D 53 -4.75 -10.60 0.94
CA SER D 53 -5.38 -9.29 1.10
C SER D 53 -5.61 -8.98 2.57
N LEU D 54 -5.20 -7.77 2.98
CA LEU D 54 -5.37 -7.35 4.36
C LEU D 54 -6.80 -6.88 4.62
N GLN D 55 -7.40 -7.37 5.69
CA GLN D 55 -8.77 -6.99 6.04
C GLN D 55 -8.78 -5.59 6.65
N SER D 56 -9.83 -4.83 6.35
CA SER D 56 -9.91 -3.44 6.78
C SER D 56 -9.84 -3.34 8.30
N GLY D 57 -8.92 -2.51 8.80
CA GLY D 57 -8.74 -2.33 10.23
C GLY D 57 -7.73 -3.26 10.87
N VAL D 58 -6.89 -3.92 10.07
CA VAL D 58 -5.89 -4.85 10.56
C VAL D 58 -4.51 -4.24 10.29
N PRO D 59 -3.63 -4.17 11.29
CA PRO D 59 -2.31 -3.57 11.10
C PRO D 59 -1.57 -4.24 9.94
N SER D 60 -0.67 -3.46 9.33
CA SER D 60 0.11 -3.86 8.17
C SER D 60 1.26 -4.81 8.51
N ARG D 61 1.48 -5.10 9.80
CA ARG D 61 2.49 -6.09 10.16
C ARG D 61 2.03 -7.52 9.89
N PHE D 62 0.73 -7.74 9.74
CA PHE D 62 0.19 -9.02 9.31
C PHE D 62 0.22 -9.08 7.79
N SER D 63 0.84 -10.13 7.24
CA SER D 63 0.87 -10.32 5.79
C SER D 63 0.70 -11.79 5.47
N GLY D 64 0.13 -12.06 4.31
CA GLY D 64 -0.05 -13.42 3.85
C GLY D 64 0.45 -13.58 2.44
N SER D 65 0.89 -14.79 2.13
CA SER D 65 1.42 -15.10 0.81
C SER D 65 1.16 -16.56 0.49
N GLY D 66 1.18 -16.87 -0.81
CA GLY D 66 0.97 -18.24 -1.24
C GLY D 66 -0.10 -18.37 -2.31
N SER D 67 -0.08 -19.49 -3.04
CA SER D 67 -1.07 -19.75 -4.07
C SER D 67 -1.06 -21.23 -4.40
N GLY D 68 -2.25 -21.82 -4.51
CA GLY D 68 -2.38 -23.21 -4.89
C GLY D 68 -2.36 -24.20 -3.75
N THR D 69 -1.19 -24.46 -3.18
CA THR D 69 -1.09 -25.50 -2.15
C THR D 69 -0.43 -25.02 -0.87
N ASP D 70 0.59 -24.18 -0.96
CA ASP D 70 1.36 -23.74 0.20
C ASP D 70 1.09 -22.26 0.47
N PHE D 71 0.78 -21.94 1.72
CA PHE D 71 0.46 -20.57 2.13
C PHE D 71 1.18 -20.26 3.43
N THR D 72 1.46 -18.97 3.62
CA THR D 72 2.25 -18.51 4.77
C THR D 72 1.63 -17.25 5.34
N LEU D 73 1.47 -17.22 6.66
CA LEU D 73 1.08 -16.03 7.40
C LEU D 73 2.27 -15.54 8.20
N THR D 74 2.61 -14.26 8.03
CA THR D 74 3.79 -13.68 8.65
C THR D 74 3.41 -12.49 9.52
N ILE D 75 3.90 -12.48 10.75
CA ILE D 75 3.80 -11.32 11.64
C ILE D 75 5.21 -10.75 11.73
N SER D 76 5.42 -9.59 11.11
CA SER D 76 6.76 -9.03 11.00
C SER D 76 7.34 -8.68 12.36
N SER D 77 6.59 -7.94 13.17
CA SER D 77 7.05 -7.50 14.48
C SER D 77 5.92 -7.73 15.48
N LEU D 78 6.09 -8.73 16.35
CA LEU D 78 5.04 -9.12 17.27
C LEU D 78 4.72 -7.99 18.24
N GLN D 79 3.47 -7.96 18.70
CA GLN D 79 2.96 -7.02 19.68
C GLN D 79 2.35 -7.79 20.84
N PRO D 80 2.14 -7.13 21.99
CA PRO D 80 1.50 -7.83 23.11
C PRO D 80 0.12 -8.39 22.77
N GLU D 81 -0.65 -7.68 21.95
CA GLU D 81 -2.02 -8.09 21.64
C GLU D 81 -2.09 -9.14 20.53
N ASP D 82 -0.96 -9.64 20.06
CA ASP D 82 -0.94 -10.63 18.99
C ASP D 82 -0.78 -12.06 19.50
N PHE D 83 -0.73 -12.26 20.81
CA PHE D 83 -0.61 -13.60 21.38
C PHE D 83 -1.98 -14.26 21.40
N ALA D 84 -2.20 -15.21 20.50
CA ALA D 84 -3.49 -15.85 20.33
C ALA D 84 -3.30 -17.12 19.50
N THR D 85 -4.40 -17.72 19.08
CA THR D 85 -4.39 -18.88 18.20
C THR D 85 -4.84 -18.46 16.80
N TYR D 86 -4.15 -18.98 15.78
CA TYR D 86 -4.38 -18.57 14.41
C TYR D 86 -4.79 -19.78 13.56
N PHE D 87 -5.81 -19.59 12.73
CA PHE D 87 -6.36 -20.64 11.89
C PHE D 87 -6.32 -20.23 10.43
N CYS D 88 -6.02 -21.19 9.56
CA CYS D 88 -6.17 -21.01 8.13
C CYS D 88 -7.43 -21.73 7.66
N GLN D 89 -8.19 -21.07 6.78
CA GLN D 89 -9.45 -21.59 6.28
C GLN D 89 -9.46 -21.52 4.78
N GLN D 90 -9.86 -22.61 4.13
CA GLN D 90 -9.99 -22.62 2.69
C GLN D 90 -11.42 -22.24 2.29
N ALA D 91 -11.54 -21.61 1.12
CA ALA D 91 -12.83 -21.22 0.58
C ALA D 91 -13.00 -21.70 -0.86
N HIS D 92 -12.26 -22.74 -1.25
CA HIS D 92 -12.30 -23.21 -2.63
C HIS D 92 -13.62 -23.93 -2.93
N SER D 93 -14.05 -24.82 -2.04
CA SER D 93 -15.25 -25.60 -2.29
C SER D 93 -15.79 -26.15 -0.98
N PHE D 94 -17.06 -26.54 -1.02
CA PHE D 94 -17.67 -27.17 0.14
C PHE D 94 -17.17 -28.60 0.28
N PRO D 95 -16.95 -29.09 1.51
CA PRO D 95 -17.15 -28.43 2.80
C PRO D 95 -16.03 -27.45 3.13
N LEU D 96 -16.36 -26.32 3.76
CA LEU D 96 -15.33 -25.42 4.25
C LEU D 96 -14.53 -26.10 5.34
N THR D 97 -13.21 -26.02 5.25
CA THR D 97 -12.33 -26.68 6.20
C THR D 97 -11.31 -25.70 6.76
N PHE D 98 -10.88 -25.97 7.98
CA PHE D 98 -9.93 -25.13 8.70
C PHE D 98 -8.66 -25.92 9.00
N GLY D 99 -7.58 -25.19 9.26
CA GLY D 99 -6.36 -25.81 9.72
C GLY D 99 -6.44 -26.19 11.18
N GLY D 100 -5.47 -26.99 11.62
CA GLY D 100 -5.45 -27.47 13.00
C GLY D 100 -5.29 -26.36 14.02
N GLY D 101 -4.70 -25.24 13.64
CA GLY D 101 -4.55 -24.14 14.57
C GLY D 101 -3.10 -23.98 15.02
N THR D 102 -2.76 -22.74 15.37
CA THR D 102 -1.42 -22.37 15.79
C THR D 102 -1.52 -21.39 16.94
N LYS D 103 -1.07 -21.79 18.13
CA LYS D 103 -1.04 -20.88 19.26
C LYS D 103 0.31 -20.18 19.34
N VAL D 104 0.28 -18.85 19.35
CA VAL D 104 1.46 -18.03 19.57
C VAL D 104 1.48 -17.64 21.03
N GLU D 105 2.52 -18.04 21.74
CA GLU D 105 2.60 -17.88 23.18
C GLU D 105 3.93 -17.26 23.58
N ILE D 106 3.94 -16.63 24.76
CA ILE D 106 5.16 -16.05 25.29
C ILE D 106 6.12 -17.15 25.72
N LYS D 107 7.41 -16.85 25.65
CA LYS D 107 8.44 -17.77 26.11
C LYS D 107 8.65 -17.63 27.61
C1 NAG E . -27.87 0.05 -5.29
C2 NAG E . -28.77 0.78 -4.28
C3 NAG E . -28.28 0.51 -2.86
C4 NAG E . -28.16 -1.00 -2.61
C5 NAG E . -27.28 -1.63 -3.68
C6 NAG E . -27.19 -3.13 -3.57
C7 NAG E . -29.86 2.84 -5.03
C8 NAG E . -29.71 4.32 -5.24
N2 NAG E . -28.78 2.21 -4.54
O3 NAG E . -29.20 1.08 -1.93
O4 NAG E . -27.59 -1.23 -1.33
O5 NAG E . -27.82 -1.34 -4.98
O6 NAG E . -26.37 -3.68 -4.58
O7 NAG E . -30.91 2.26 -5.29
C1 FUC E . -25.12 -4.08 -3.98
C2 FUC E . -24.59 -5.33 -4.76
C3 FUC E . -23.94 -4.93 -6.09
C4 FUC E . -22.89 -3.84 -5.84
C5 FUC E . -23.58 -2.65 -5.23
C6 FUC E . -22.62 -1.52 -4.93
O2 FUC E . -25.61 -6.29 -4.98
O3 FUC E . -23.27 -6.05 -6.66
O4 FUC E . -21.92 -4.32 -4.94
O5 FUC E . -24.18 -3.01 -3.96
C1 NAG F . 48.46 12.71 7.04
C2 NAG F . 49.52 12.12 6.13
C3 NAG F . 50.32 11.05 6.86
C4 NAG F . 50.89 11.57 8.18
C5 NAG F . 49.79 12.23 9.00
C6 NAG F . 50.30 12.97 10.22
C7 NAG F . 49.31 11.91 3.69
C8 NAG F . 48.58 11.25 2.57
N2 NAG F . 48.92 11.57 4.93
O3 NAG F . 51.39 10.59 6.03
O4 NAG F . 51.42 10.46 8.89
O5 NAG F . 49.08 13.22 8.22
O6 NAG F . 51.11 14.08 9.87
O7 NAG F . 50.22 12.71 3.50
C1 NAG F . 52.67 10.68 9.58
C2 NAG F . 52.75 9.53 10.59
C3 NAG F . 54.03 9.65 11.42
C4 NAG F . 55.24 9.73 10.51
C5 NAG F . 55.07 10.85 9.49
C6 NAG F . 56.19 10.90 8.47
C7 NAG F . 50.64 8.56 11.37
C8 NAG F . 49.49 8.69 12.32
N2 NAG F . 51.58 9.51 11.45
O3 NAG F . 54.13 8.52 12.28
O4 NAG F . 56.42 9.96 11.28
O5 NAG F . 53.84 10.67 8.76
O6 NAG F . 56.19 12.11 7.74
O7 NAG F . 50.71 7.65 10.55
C1 NAG G . 16.73 2.62 -2.22
C2 NAG G . 16.44 1.70 -1.04
C3 NAG G . 16.32 0.27 -1.52
C4 NAG G . 15.24 0.16 -2.60
C5 NAG G . 15.43 1.21 -3.70
C6 NAG G . 14.22 1.33 -4.60
C7 NAG G . 17.19 2.11 1.26
C8 NAG G . 18.36 2.19 2.19
N2 NAG G . 17.47 1.82 -0.01
O3 NAG G . 16.00 -0.58 -0.42
O4 NAG G . 15.31 -1.13 -3.19
O5 NAG G . 15.65 2.53 -3.14
O6 NAG G . 13.08 1.75 -3.87
O7 NAG G . 16.04 2.30 1.64
C1 NAG G . 14.14 -1.92 -2.93
C2 NAG G . 14.00 -2.93 -4.07
C3 NAG G . 12.82 -3.87 -3.82
C4 NAG G . 12.95 -4.53 -2.44
C5 NAG G . 13.09 -3.44 -1.38
C6 NAG G . 13.32 -3.99 0.02
C7 NAG G . 14.88 -1.78 -6.05
C8 NAG G . 14.55 -1.13 -7.35
N2 NAG G . 13.85 -2.27 -5.35
O3 NAG G . 12.78 -4.88 -4.83
O4 NAG G . 11.79 -5.31 -2.18
O5 NAG G . 14.23 -2.62 -1.68
O6 NAG G . 14.70 -4.19 0.27
O7 NAG G . 16.04 -1.87 -5.64
C1 BMA G . 12.16 -6.68 -1.87
C2 BMA G . 11.02 -7.24 -1.02
C3 BMA G . 11.33 -8.69 -0.66
C4 BMA G . 11.68 -9.52 -1.92
C5 BMA G . 12.77 -8.83 -2.76
C6 BMA G . 12.97 -9.52 -4.10
O2 BMA G . 9.81 -7.27 -1.77
O3 BMA G . 10.25 -9.28 0.04
O4 BMA G . 12.13 -10.81 -1.52
O5 BMA G . 12.36 -7.47 -3.04
O6 BMA G . 11.70 -9.53 -4.74
C1 MAN G . 10.09 -8.60 1.30
C2 MAN G . 10.45 -9.60 2.42
C3 MAN G . 9.36 -10.66 2.55
C4 MAN G . 7.99 -10.00 2.71
C5 MAN G . 7.71 -9.07 1.52
C6 MAN G . 6.40 -8.32 1.65
O2 MAN G . 10.52 -8.96 3.70
O3 MAN G . 9.61 -11.56 3.63
O4 MAN G . 6.98 -11.00 2.78
O5 MAN G . 8.77 -8.09 1.45
O6 MAN G . 6.35 -7.33 0.64
C1 MAN G . 11.72 -10.34 -5.92
C2 MAN G . 10.47 -9.95 -6.72
C3 MAN G . 9.23 -10.34 -5.94
C4 MAN G . 9.26 -11.84 -5.57
C5 MAN G . 10.57 -12.16 -4.81
C6 MAN G . 10.74 -13.65 -4.55
O2 MAN G . 10.39 -10.67 -7.96
O3 MAN G . 8.03 -10.03 -6.63
O4 MAN G . 8.15 -12.17 -4.75
O5 MAN G . 11.71 -11.72 -5.59
O6 MAN G . 11.86 -13.82 -3.68
C1 NAG H . -36.84 -36.28 -9.71
C2 NAG H . -37.55 -36.87 -8.49
C3 NAG H . -36.81 -38.09 -7.99
C4 NAG H . -36.63 -39.10 -9.11
C5 NAG H . -35.97 -38.44 -10.32
C6 NAG H . -35.90 -39.36 -11.52
C7 NAG H . -38.87 -35.29 -7.14
C8 NAG H . -38.85 -34.30 -6.02
N2 NAG H . -37.71 -35.88 -7.43
O3 NAG H . -37.53 -38.68 -6.92
O4 NAG H . -35.83 -40.19 -8.67
O5 NAG H . -36.71 -37.28 -10.72
O6 NAG H . -36.82 -40.42 -11.42
O7 NAG H . -39.89 -35.55 -7.76
C1 NAG I . -21.31 -32.82 -9.15
C2 NAG I . -21.82 -34.16 -8.58
C3 NAG I . -20.71 -34.87 -7.81
C4 NAG I . -19.46 -35.00 -8.67
C5 NAG I . -19.04 -33.63 -9.17
C6 NAG I . -17.84 -33.67 -10.10
C7 NAG I . -24.21 -33.77 -8.21
C8 NAG I . -25.30 -33.58 -7.18
N2 NAG I . -22.98 -33.95 -7.73
O3 NAG I . -21.17 -36.16 -7.43
O4 NAG I . -18.40 -35.58 -7.91
O5 NAG I . -20.12 -33.04 -9.91
O6 NAG I . -17.31 -32.38 -10.32
O7 NAG I . -24.46 -33.75 -9.42
#